data_6S1F
#
_entry.id   6S1F
#
_cell.length_a   124.343
_cell.length_b   124.343
_cell.length_c   228.676
_cell.angle_alpha   90.00
_cell.angle_beta   90.00
_cell.angle_gamma   90.00
#
_symmetry.space_group_name_H-M   'P 41 21 2'
#
loop_
_entity.id
_entity.type
_entity.pdbx_description
1 polymer 'Receptor-interacting serine/threonine-protein kinase 2'
2 non-polymer ~{N}-[3-[2-azanyl-5-(4-piperazin-1-ylphenyl)pyridin-3-yl]-5-methoxy-phenyl]methanesulfonamide
3 water water
#
_entity_poly.entity_id   1
_entity_poly.type   'polypeptide(L)'
_entity_poly.pdbx_seq_one_letter_code
;SMGEAICSALPTIPYHKLADLRYLSRGASGTVSSARHADWRVQVAVKHLHIHTPLLDSERKDVLREAEILHKARFSYILP
ILGICNEPEFLGIVTEYMPNGSLNELLHRKTEYPDVAWPLRFRILHEIALGVNYLHNMTPPLLHHDLKTQNILLDNEFHV
KIADFGLSKWRMMSLSQSRSSKSAPEGGTIIYMPPENYEPGQKSRASIKHDIYSYAVITWEVLSRKQPFEDVTNPLQIMY
SVSQGHRPVINEESLPYDIPHRARMISLIESGWAQNPDERPSFLKCLIELEPVLRTFEEITFLEAVIQLKKTKLQSV
;
_entity_poly.pdbx_strand_id   A,B,C,D
#
# COMPACT_ATOMS: atom_id res chain seq x y z
N ALA A 5 24.58 -5.95 -16.29
CA ALA A 5 23.16 -6.11 -16.56
C ALA A 5 22.35 -5.97 -15.28
N ILE A 6 22.85 -6.54 -14.18
CA ILE A 6 22.16 -6.51 -12.90
C ILE A 6 22.68 -5.31 -12.11
N CYS A 7 21.81 -4.33 -11.88
CA CYS A 7 22.19 -3.09 -11.21
C CYS A 7 21.39 -2.91 -9.92
N SER A 8 22.07 -2.40 -8.89
CA SER A 8 21.46 -2.12 -7.60
C SER A 8 21.77 -0.69 -7.20
N ALA A 9 20.73 0.06 -6.85
CA ALA A 9 20.92 1.43 -6.39
C ALA A 9 21.19 1.43 -4.88
N LEU A 10 22.17 2.22 -4.47
CA LEU A 10 22.50 2.33 -3.05
C LEU A 10 21.40 3.07 -2.31
N PRO A 11 20.87 2.51 -1.22
CA PRO A 11 19.73 3.15 -0.54
C PRO A 11 20.07 4.54 -0.03
N THR A 12 19.07 5.43 -0.08
CA THR A 12 19.15 6.75 0.51
C THR A 12 18.48 6.71 1.87
N ILE A 13 19.24 6.97 2.94
CA ILE A 13 18.76 6.83 4.30
C ILE A 13 18.33 8.20 4.82
N PRO A 14 17.08 8.38 5.24
CA PRO A 14 16.70 9.67 5.85
C PRO A 14 17.50 9.93 7.13
N TYR A 15 18.03 11.14 7.24
CA TYR A 15 18.80 11.51 8.43
C TYR A 15 17.99 11.33 9.69
N HIS A 16 16.69 11.63 9.63
CA HIS A 16 15.87 11.58 10.84
C HIS A 16 15.71 10.16 11.40
N LYS A 17 16.04 9.14 10.63
CA LYS A 17 15.95 7.77 11.11
C LYS A 17 17.23 7.28 11.77
N LEU A 18 18.26 8.11 11.81
CA LEU A 18 19.49 7.80 12.54
C LEU A 18 19.32 8.38 13.93
N ALA A 19 19.16 7.52 14.93
CA ALA A 19 18.88 7.96 16.28
C ALA A 19 20.07 7.69 17.20
N ASP A 20 20.07 8.37 18.34
CA ASP A 20 21.13 8.18 19.33
C ASP A 20 22.50 8.41 18.71
N LEU A 21 22.61 9.46 17.89
CA LEU A 21 23.90 9.78 17.30
C LEU A 21 24.91 10.07 18.40
N ARG A 22 25.97 9.27 18.45
CA ARG A 22 26.98 9.37 19.49
C ARG A 22 28.34 9.39 18.82
N TYR A 23 29.12 10.42 19.13
CA TYR A 23 30.45 10.56 18.57
C TYR A 23 31.32 9.36 18.93
N LEU A 24 31.89 8.72 17.91
CA LEU A 24 32.84 7.63 18.12
C LEU A 24 34.29 8.07 17.90
N SER A 25 34.55 8.83 16.84
CA SER A 25 35.91 9.25 16.58
C SER A 25 35.92 10.40 15.58
N ARG A 26 36.92 11.27 15.71
CA ARG A 26 37.17 12.35 14.76
C ARG A 26 38.53 12.06 14.14
N GLY A 27 38.56 11.92 12.82
CA GLY A 27 39.79 11.54 12.14
C GLY A 27 40.25 12.48 11.05
N ALA A 28 41.26 12.03 10.30
CA ALA A 28 41.78 12.82 9.19
C ALA A 28 40.81 12.80 8.01
N SER A 29 40.13 11.68 7.79
CA SER A 29 39.24 11.56 6.65
C SER A 29 37.80 11.95 6.96
N GLY A 30 37.36 11.82 8.20
CA GLY A 30 36.01 12.25 8.55
C GLY A 30 35.73 12.05 10.03
N THR A 31 34.43 12.09 10.36
CA THR A 31 33.95 11.89 11.71
C THR A 31 33.02 10.67 11.72
N VAL A 32 33.29 9.71 12.60
CA VAL A 32 32.49 8.49 12.69
C VAL A 32 31.67 8.54 13.98
N SER A 33 30.36 8.34 13.85
CA SER A 33 29.44 8.30 14.97
C SER A 33 28.61 7.03 14.89
N SER A 34 28.23 6.50 16.05
CA SER A 34 27.30 5.38 16.08
C SER A 34 25.86 5.91 16.12
N ALA A 35 24.94 5.11 15.62
CA ALA A 35 23.54 5.50 15.60
C ALA A 35 22.70 4.24 15.48
N ARG A 36 21.39 4.39 15.66
CA ARG A 36 20.48 3.26 15.54
C ARG A 36 19.38 3.60 14.54
N HIS A 37 19.20 2.71 13.57
CA HIS A 37 18.21 2.90 12.51
C HIS A 37 16.83 2.59 13.05
N ALA A 38 15.92 3.56 12.96
CA ALA A 38 14.62 3.43 13.61
C ALA A 38 13.80 2.31 12.99
N ASP A 39 13.96 2.09 11.69
CA ASP A 39 13.20 1.06 10.98
C ASP A 39 13.88 -0.28 11.02
N TRP A 40 15.19 -0.32 10.80
CA TRP A 40 15.90 -1.59 10.72
C TRP A 40 16.21 -2.15 12.10
N ARG A 41 16.22 -1.32 13.13
CA ARG A 41 16.42 -1.78 14.50
C ARG A 41 17.83 -2.31 14.71
N VAL A 42 18.81 -1.77 14.00
CA VAL A 42 20.19 -2.19 14.13
C VAL A 42 21.08 -0.98 14.36
N GLN A 43 22.25 -1.22 14.93
CA GLN A 43 23.21 -0.14 15.08
C GLN A 43 24.03 0.00 13.80
N VAL A 44 24.28 1.25 13.41
CA VAL A 44 25.02 1.57 12.21
C VAL A 44 26.05 2.62 12.57
N ALA A 45 27.05 2.76 11.70
CA ALA A 45 28.04 3.81 11.82
C ALA A 45 27.84 4.81 10.70
N VAL A 46 28.00 6.09 11.02
CA VAL A 46 27.81 7.17 10.06
C VAL A 46 29.12 7.96 10.02
N LYS A 47 29.68 8.08 8.82
CA LYS A 47 30.86 8.89 8.57
C LYS A 47 30.37 10.17 7.92
N HIS A 48 30.53 11.28 8.63
CA HIS A 48 30.07 12.60 8.20
C HIS A 48 31.18 13.62 8.38
N LEU A 49 31.12 14.68 7.58
CA LEU A 49 32.03 15.80 7.71
C LEU A 49 31.55 16.78 8.77
N HIS A 50 32.40 17.77 9.06
CA HIS A 50 32.08 18.77 10.07
C HIS A 50 30.67 19.33 9.83
N ILE A 51 29.98 19.60 10.93
CA ILE A 51 28.57 19.99 10.86
C ILE A 51 28.35 21.48 10.68
N HIS A 52 29.34 22.32 11.02
CA HIS A 52 29.14 23.77 11.00
C HIS A 52 29.25 24.35 9.59
N THR A 53 30.44 24.26 9.00
CA THR A 53 30.71 24.94 7.73
C THR A 53 30.02 24.22 6.57
N PRO A 54 29.34 24.93 5.68
CA PRO A 54 28.71 24.27 4.54
C PRO A 54 29.73 23.51 3.72
N LEU A 55 29.31 22.37 3.19
CA LEU A 55 30.22 21.50 2.45
C LEU A 55 30.46 22.05 1.04
N LEU A 56 31.72 22.19 0.69
CA LEU A 56 32.10 22.60 -0.66
C LEU A 56 31.88 21.44 -1.61
N ASP A 57 31.42 21.75 -2.84
CA ASP A 57 31.07 20.70 -3.78
C ASP A 57 32.19 19.70 -3.97
N SER A 58 33.44 20.09 -3.71
CA SER A 58 34.53 19.12 -3.76
C SER A 58 34.40 18.08 -2.66
N GLU A 59 34.03 18.52 -1.44
CA GLU A 59 33.82 17.58 -0.35
C GLU A 59 32.62 16.69 -0.60
N ARG A 60 31.54 17.26 -1.14
CA ARG A 60 30.39 16.46 -1.51
C ARG A 60 30.74 15.41 -2.56
N LYS A 61 31.51 15.80 -3.58
CA LYS A 61 31.93 14.82 -4.57
C LYS A 61 32.81 13.74 -3.96
N ASP A 62 33.69 14.13 -3.03
CA ASP A 62 34.51 13.13 -2.34
C ASP A 62 33.63 12.13 -1.60
N VAL A 63 32.61 12.62 -0.88
CA VAL A 63 31.75 11.74 -0.11
C VAL A 63 30.98 10.81 -1.05
N LEU A 64 30.43 11.35 -2.13
CA LEU A 64 29.72 10.49 -3.09
C LEU A 64 30.65 9.45 -3.69
N ARG A 65 31.90 9.84 -3.98
CA ARG A 65 32.85 8.91 -4.54
C ARG A 65 33.14 7.78 -3.56
N GLU A 66 33.34 8.12 -2.29
CA GLU A 66 33.60 7.09 -1.28
C GLU A 66 32.39 6.16 -1.13
N ALA A 67 31.19 6.73 -1.11
CA ALA A 67 30.00 5.89 -0.98
C ALA A 67 29.86 4.93 -2.15
N GLU A 68 30.00 5.45 -3.37
CA GLU A 68 29.89 4.59 -4.54
C GLU A 68 31.02 3.56 -4.57
N ILE A 69 32.21 3.93 -4.12
CA ILE A 69 33.33 2.98 -4.10
C ILE A 69 33.03 1.84 -3.14
N LEU A 70 32.62 2.16 -1.92
CA LEU A 70 32.20 1.11 -0.98
C LEU A 70 31.11 0.24 -1.59
N HIS A 71 30.19 0.86 -2.33
CA HIS A 71 29.08 0.11 -2.91
C HIS A 71 29.56 -0.84 -4.00
N LYS A 72 30.51 -0.40 -4.83
CA LYS A 72 30.97 -1.23 -5.93
C LYS A 72 31.99 -2.28 -5.46
N ALA A 73 32.71 -2.00 -4.39
CA ALA A 73 33.74 -2.90 -3.89
C ALA A 73 33.21 -3.85 -2.82
N ARG A 74 31.89 -4.05 -2.73
CA ARG A 74 31.33 -4.94 -1.73
C ARG A 74 32.01 -6.30 -1.77
N PHE A 75 32.35 -6.81 -0.58
CA PHE A 75 33.02 -8.10 -0.47
C PHE A 75 33.08 -8.49 1.00
N SER A 76 33.39 -9.77 1.24
CA SER A 76 33.33 -10.32 2.59
C SER A 76 34.23 -9.59 3.58
N TYR A 77 35.35 -9.04 3.13
CA TYR A 77 36.30 -8.40 4.04
C TYR A 77 36.39 -6.89 3.80
N ILE A 78 35.36 -6.31 3.18
CA ILE A 78 35.24 -4.87 3.00
C ILE A 78 34.10 -4.38 3.87
N LEU A 79 34.26 -3.19 4.44
CA LEU A 79 33.24 -2.61 5.28
C LEU A 79 31.93 -2.52 4.50
N PRO A 80 30.86 -3.17 4.95
CA PRO A 80 29.59 -3.15 4.20
C PRO A 80 28.87 -1.82 4.34
N ILE A 81 28.60 -1.15 3.22
CA ILE A 81 27.86 0.09 3.22
C ILE A 81 26.36 -0.22 3.13
N LEU A 82 25.59 0.36 4.03
CA LEU A 82 24.15 0.11 4.09
C LEU A 82 23.33 1.18 3.37
N GLY A 83 23.88 2.38 3.19
CA GLY A 83 23.17 3.42 2.48
C GLY A 83 23.95 4.71 2.55
N ILE A 84 23.42 5.72 1.87
CA ILE A 84 24.02 7.05 1.85
C ILE A 84 23.01 8.02 2.40
N CYS A 85 23.47 8.95 3.24
CA CYS A 85 22.63 10.02 3.77
C CYS A 85 22.93 11.28 2.97
N ASN A 86 21.95 11.71 2.16
CA ASN A 86 22.08 12.87 1.28
C ASN A 86 20.89 13.80 1.50
N GLU A 87 20.98 14.67 2.48
CA GLU A 87 19.90 15.58 2.86
C GLU A 87 20.38 17.02 2.87
N PRO A 88 19.45 17.98 2.90
CA PRO A 88 19.85 19.38 3.00
C PRO A 88 20.72 19.68 4.21
N GLU A 89 20.43 19.06 5.35
CA GLU A 89 21.11 19.39 6.59
C GLU A 89 22.06 18.30 7.07
N PHE A 90 22.34 17.30 6.24
CA PHE A 90 23.31 16.29 6.64
C PHE A 90 23.74 15.48 5.43
N LEU A 91 25.02 15.12 5.39
CA LEU A 91 25.58 14.26 4.35
C LEU A 91 26.54 13.29 5.02
N GLY A 92 26.22 12.00 4.96
CA GLY A 92 27.02 10.98 5.61
C GLY A 92 26.87 9.64 4.94
N ILE A 93 27.93 8.85 4.98
CA ILE A 93 27.90 7.46 4.53
C ILE A 93 27.58 6.56 5.71
N VAL A 94 26.60 5.67 5.51
CA VAL A 94 26.16 4.74 6.55
C VAL A 94 26.71 3.35 6.24
N THR A 95 27.36 2.74 7.22
CA THR A 95 27.89 1.39 7.09
C THR A 95 27.53 0.59 8.32
N GLU A 96 27.81 -0.71 8.25
CA GLU A 96 27.60 -1.58 9.40
C GLU A 96 28.46 -1.10 10.57
N TYR A 97 27.95 -1.26 11.78
CA TYR A 97 28.70 -0.85 12.96
C TYR A 97 29.66 -1.95 13.40
N MET A 98 30.92 -1.59 13.57
CA MET A 98 31.94 -2.52 14.02
C MET A 98 32.23 -2.28 15.50
N PRO A 99 31.68 -3.09 16.40
CA PRO A 99 31.79 -2.76 17.83
C PRO A 99 33.21 -2.74 18.35
N ASN A 100 34.12 -3.46 17.69
CA ASN A 100 35.45 -3.73 18.22
C ASN A 100 36.52 -2.83 17.61
N GLY A 101 36.15 -1.67 17.08
CA GLY A 101 37.15 -0.71 16.68
C GLY A 101 38.07 -1.22 15.58
N SER A 102 39.34 -0.83 15.65
CA SER A 102 40.30 -1.09 14.59
C SER A 102 41.39 -2.06 15.05
N LEU A 103 42.14 -2.56 14.06
CA LEU A 103 43.26 -3.47 14.34
C LEU A 103 44.31 -2.80 15.21
N ASN A 104 44.48 -1.49 15.09
CA ASN A 104 45.46 -0.78 15.90
C ASN A 104 45.18 -0.98 17.39
N GLU A 105 43.94 -0.74 17.81
CA GLU A 105 43.58 -0.88 19.21
C GLU A 105 43.84 -2.31 19.68
N LEU A 106 43.42 -3.30 18.89
CA LEU A 106 43.64 -4.70 19.25
C LEU A 106 45.13 -4.99 19.45
N LEU A 107 45.97 -4.42 18.59
CA LEU A 107 47.40 -4.73 18.63
C LEU A 107 48.11 -4.03 19.78
N HIS A 108 47.69 -2.82 20.14
CA HIS A 108 48.46 -2.00 21.05
C HIS A 108 47.81 -1.71 22.40
N ARG A 109 46.49 -1.91 22.54
CA ARG A 109 45.87 -1.74 23.86
C ARG A 109 46.04 -3.04 24.63
N LYS A 110 47.23 -3.21 25.22
CA LYS A 110 47.58 -4.48 25.83
C LYS A 110 46.90 -4.72 27.17
N THR A 111 46.26 -3.71 27.76
CA THR A 111 45.44 -3.98 28.94
C THR A 111 44.12 -4.63 28.55
N GLU A 112 43.45 -4.08 27.53
CA GLU A 112 42.25 -4.72 27.00
C GLU A 112 42.60 -6.08 26.41
N TYR A 113 43.63 -6.13 25.57
CA TYR A 113 44.01 -7.32 24.83
C TYR A 113 45.44 -7.70 25.23
N PRO A 114 45.62 -8.27 26.42
CA PRO A 114 46.97 -8.65 26.84
C PRO A 114 47.58 -9.69 25.93
N ASP A 115 46.78 -10.67 25.52
CA ASP A 115 47.23 -11.75 24.66
C ASP A 115 46.31 -11.84 23.47
N VAL A 116 46.89 -12.05 22.28
CA VAL A 116 46.14 -12.23 21.05
C VAL A 116 46.66 -13.51 20.41
N ALA A 117 45.86 -14.57 20.47
CA ALA A 117 46.32 -15.90 20.09
C ALA A 117 46.80 -15.92 18.64
N TRP A 118 47.86 -16.67 18.39
CA TRP A 118 48.43 -16.73 17.05
C TRP A 118 47.41 -17.10 15.98
N PRO A 119 46.51 -18.07 16.19
CA PRO A 119 45.52 -18.35 15.16
C PRO A 119 44.74 -17.12 14.76
N LEU A 120 44.36 -16.30 15.73
CA LEU A 120 43.61 -15.09 15.43
C LEU A 120 44.45 -14.10 14.64
N ARG A 121 45.71 -13.91 15.02
CA ARG A 121 46.57 -13.02 14.26
C ARG A 121 46.68 -13.47 12.81
N PHE A 122 46.89 -14.77 12.59
CA PHE A 122 47.07 -15.27 11.24
C PHE A 122 45.77 -15.20 10.45
N ARG A 123 44.63 -15.42 11.10
CA ARG A 123 43.37 -15.25 10.39
C ARG A 123 43.18 -13.80 9.97
N ILE A 124 43.55 -12.86 10.85
CA ILE A 124 43.45 -11.44 10.50
C ILE A 124 44.33 -11.12 9.30
N LEU A 125 45.56 -11.61 9.31
CA LEU A 125 46.49 -11.37 8.22
C LEU A 125 45.95 -11.94 6.91
N HIS A 126 45.44 -13.18 6.96
CA HIS A 126 44.86 -13.81 5.79
C HIS A 126 43.68 -13.01 5.25
N GLU A 127 42.80 -12.54 6.15
CA GLU A 127 41.61 -11.84 5.69
C GLU A 127 41.95 -10.48 5.09
N ILE A 128 42.94 -9.78 5.67
CA ILE A 128 43.42 -8.55 5.06
C ILE A 128 43.93 -8.82 3.64
N ALA A 129 44.76 -9.87 3.50
CA ALA A 129 45.25 -10.20 2.18
C ALA A 129 44.09 -10.48 1.22
N LEU A 130 43.06 -11.20 1.70
CA LEU A 130 41.91 -11.50 0.85
C LEU A 130 41.21 -10.23 0.40
N GLY A 131 40.99 -9.31 1.34
CA GLY A 131 40.28 -8.08 0.99
C GLY A 131 41.03 -7.23 -0.02
N VAL A 132 42.33 -7.01 0.23
CA VAL A 132 43.08 -6.17 -0.70
C VAL A 132 43.23 -6.85 -2.05
N ASN A 133 43.40 -8.18 -2.07
CA ASN A 133 43.48 -8.90 -3.32
C ASN A 133 42.19 -8.76 -4.12
N TYR A 134 41.04 -8.90 -3.44
CA TYR A 134 39.77 -8.65 -4.13
C TYR A 134 39.74 -7.24 -4.70
N LEU A 135 40.15 -6.26 -3.90
CA LEU A 135 40.19 -4.89 -4.40
C LEU A 135 41.00 -4.79 -5.68
N HIS A 136 42.17 -5.42 -5.69
CA HIS A 136 43.05 -5.36 -6.86
C HIS A 136 42.47 -6.12 -8.06
N ASN A 137 41.56 -7.05 -7.84
CA ASN A 137 41.01 -7.81 -8.96
C ASN A 137 39.80 -7.14 -9.60
N MET A 138 39.37 -6.00 -9.09
CA MET A 138 38.23 -5.30 -9.68
C MET A 138 38.61 -4.69 -11.03
N THR A 139 37.58 -4.24 -11.74
CA THR A 139 37.73 -3.55 -13.02
C THR A 139 36.97 -2.23 -12.93
N PRO A 140 37.66 -1.09 -12.96
CA PRO A 140 39.11 -1.13 -13.07
C PRO A 140 39.70 -1.51 -11.74
N PRO A 141 40.94 -2.02 -11.71
CA PRO A 141 41.55 -2.36 -10.43
C PRO A 141 41.54 -1.13 -9.53
N LEU A 142 41.16 -1.35 -8.28
CA LEU A 142 41.12 -0.28 -7.30
C LEU A 142 42.34 -0.44 -6.39
N LEU A 143 43.17 0.59 -6.34
CA LEU A 143 44.34 0.60 -5.49
C LEU A 143 43.99 1.39 -4.24
N HIS A 144 44.12 0.76 -3.08
CA HIS A 144 43.68 1.41 -1.84
C HIS A 144 44.58 2.59 -1.51
N HIS A 145 45.89 2.34 -1.42
CA HIS A 145 46.92 3.36 -1.27
C HIS A 145 46.89 4.06 0.08
N ASP A 146 46.11 3.56 1.04
CA ASP A 146 46.12 4.13 2.38
C ASP A 146 45.82 3.05 3.41
N LEU A 147 46.37 1.86 3.21
CA LEU A 147 46.17 0.80 4.19
C LEU A 147 46.92 1.13 5.48
N LYS A 148 46.25 0.90 6.60
CA LYS A 148 46.89 1.06 7.90
C LYS A 148 46.04 0.36 8.95
N THR A 149 46.65 0.14 10.12
CA THR A 149 45.97 -0.56 11.19
C THR A 149 44.74 0.18 11.69
N GLN A 150 44.57 1.45 11.31
CA GLN A 150 43.39 2.21 11.66
C GLN A 150 42.26 2.01 10.67
N ASN A 151 42.58 1.57 9.45
CA ASN A 151 41.60 1.29 8.42
C ASN A 151 40.98 -0.10 8.59
N ILE A 152 41.62 -0.97 9.36
CA ILE A 152 41.22 -2.36 9.49
C ILE A 152 40.28 -2.45 10.70
N LEU A 153 38.98 -2.57 10.42
CA LEU A 153 38.00 -2.75 11.49
C LEU A 153 37.80 -4.24 11.76
N LEU A 154 37.36 -4.54 12.98
CA LEU A 154 37.13 -5.91 13.41
C LEU A 154 35.67 -6.00 13.84
N ASP A 155 34.92 -6.89 13.21
CA ASP A 155 33.50 -7.01 13.47
C ASP A 155 33.29 -7.78 14.78
N ASN A 156 32.06 -8.17 15.06
CA ASN A 156 31.74 -8.69 16.38
C ASN A 156 32.55 -9.92 16.73
N GLU A 157 32.95 -10.74 15.75
CA GLU A 157 33.79 -11.91 16.01
C GLU A 157 35.22 -11.73 15.49
N PHE A 158 35.66 -10.50 15.29
CA PHE A 158 37.06 -10.22 14.94
C PHE A 158 37.40 -10.82 13.57
N HIS A 159 36.53 -10.57 12.61
CA HIS A 159 36.80 -10.82 11.20
C HIS A 159 37.08 -9.47 10.54
N VAL A 160 38.00 -9.45 9.59
CA VAL A 160 38.50 -8.18 9.06
C VAL A 160 37.46 -7.52 8.18
N LYS A 161 37.36 -6.20 8.30
CA LYS A 161 36.61 -5.37 7.37
C LYS A 161 37.45 -4.15 7.05
N ILE A 162 37.89 -4.02 5.80
CA ILE A 162 38.70 -2.88 5.37
C ILE A 162 37.79 -1.68 5.16
N ALA A 163 38.24 -0.51 5.60
CA ALA A 163 37.42 0.71 5.54
C ALA A 163 38.28 1.86 5.06
N ASP A 164 37.69 3.06 5.06
CA ASP A 164 38.34 4.31 4.67
C ASP A 164 38.66 4.39 3.19
N PHE A 165 37.65 4.65 2.36
CA PHE A 165 37.87 4.85 0.95
C PHE A 165 37.76 6.34 0.64
N GLY A 166 37.80 6.69 -0.65
CA GLY A 166 37.77 8.08 -1.04
C GLY A 166 39.12 8.75 -0.81
N LEU A 167 39.10 10.00 -0.35
CA LEU A 167 40.33 10.75 -0.15
C LEU A 167 40.56 11.08 1.32
N SER A 168 41.39 12.10 1.57
CA SER A 168 41.74 12.50 2.91
C SER A 168 41.55 14.01 3.01
N LYS A 169 41.29 14.48 4.22
CA LYS A 169 40.85 15.87 4.40
C LYS A 169 41.46 16.51 5.65
N TRP A 170 42.68 17.02 5.54
CA TRP A 170 43.28 17.78 6.63
C TRP A 170 43.21 19.25 6.26
N ARG A 171 42.48 20.02 7.07
CA ARG A 171 42.16 21.40 6.76
C ARG A 171 41.21 21.95 7.83
N GLY A 188 52.85 9.68 12.08
CA GLY A 188 52.21 8.54 12.72
C GLY A 188 51.63 7.54 11.74
N THR A 189 50.94 8.04 10.72
CA THR A 189 50.35 7.20 9.69
C THR A 189 51.22 7.10 8.44
N ILE A 190 52.47 7.57 8.50
CA ILE A 190 53.38 7.44 7.37
C ILE A 190 54.24 6.20 7.48
N ILE A 191 54.13 5.45 8.58
CA ILE A 191 54.90 4.22 8.70
C ILE A 191 54.46 3.20 7.66
N TYR A 192 53.27 3.38 7.06
CA TYR A 192 52.79 2.43 6.07
C TYR A 192 52.94 2.93 4.64
N MET A 193 53.57 4.09 4.44
CA MET A 193 53.70 4.61 3.08
C MET A 193 55.06 4.21 2.53
N PRO A 194 55.14 3.69 1.31
CA PRO A 194 56.42 3.26 0.79
C PRO A 194 57.29 4.47 0.48
N PRO A 195 58.62 4.29 0.44
CA PRO A 195 59.50 5.44 0.30
C PRO A 195 59.40 6.13 -1.04
N GLU A 196 58.80 5.50 -2.05
CA GLU A 196 58.69 6.10 -3.37
C GLU A 196 57.36 6.81 -3.56
N ASN A 197 56.58 6.92 -2.49
CA ASN A 197 55.38 7.72 -2.49
C ASN A 197 55.53 9.01 -1.68
N TYR A 198 56.58 9.13 -0.87
CA TYR A 198 56.82 10.35 -0.09
C TYR A 198 56.65 11.59 -0.96
N GLU A 199 57.27 11.58 -2.14
CA GLU A 199 57.02 12.60 -3.16
C GLU A 199 56.28 11.95 -4.30
N PRO A 200 54.94 12.07 -4.36
CA PRO A 200 54.17 11.26 -5.31
C PRO A 200 54.30 11.71 -6.76
N GLY A 201 55.18 11.03 -7.50
CA GLY A 201 55.33 11.28 -8.92
C GLY A 201 54.27 10.60 -9.75
N GLN A 202 53.20 10.17 -9.10
CA GLN A 202 52.06 9.54 -9.75
C GLN A 202 52.50 8.51 -10.78
N LYS A 203 53.21 7.51 -10.30
CA LYS A 203 53.65 6.38 -11.13
C LYS A 203 53.10 5.08 -10.56
N LYS A 209 51.62 -1.37 -7.10
CA LYS A 209 52.45 -2.13 -6.14
C LYS A 209 52.70 -1.33 -4.87
N HIS A 210 51.69 -0.55 -4.49
CA HIS A 210 51.72 0.31 -3.31
C HIS A 210 51.27 -0.44 -2.06
N ASP A 211 50.07 -1.02 -2.10
CA ASP A 211 49.47 -1.62 -0.92
C ASP A 211 50.35 -2.68 -0.28
N ILE A 212 51.07 -3.45 -1.09
CA ILE A 212 51.80 -4.60 -0.55
C ILE A 212 52.83 -4.17 0.49
N TYR A 213 53.46 -3.02 0.28
CA TYR A 213 54.37 -2.48 1.28
C TYR A 213 53.63 -2.25 2.60
N SER A 214 52.47 -1.60 2.52
CA SER A 214 51.66 -1.38 3.70
C SER A 214 51.33 -2.70 4.38
N TYR A 215 51.00 -3.72 3.60
CA TYR A 215 50.66 -5.01 4.17
C TYR A 215 51.86 -5.63 4.89
N ALA A 216 53.05 -5.48 4.32
CA ALA A 216 54.24 -5.98 4.99
C ALA A 216 54.42 -5.30 6.34
N VAL A 217 54.27 -3.97 6.37
CA VAL A 217 54.43 -3.26 7.64
C VAL A 217 53.38 -3.71 8.65
N ILE A 218 52.13 -3.85 8.19
CA ILE A 218 51.06 -4.30 9.08
C ILE A 218 51.33 -5.69 9.62
N THR A 219 51.88 -6.57 8.78
CA THR A 219 52.25 -7.91 9.24
C THR A 219 53.31 -7.85 10.31
N TRP A 220 54.38 -7.09 10.07
CA TRP A 220 55.42 -6.92 11.09
C TRP A 220 54.81 -6.45 12.39
N GLU A 221 53.86 -5.52 12.31
CA GLU A 221 53.23 -4.98 13.52
C GLU A 221 52.42 -6.07 14.23
N VAL A 222 51.59 -6.80 13.49
CA VAL A 222 50.72 -7.80 14.10
C VAL A 222 51.56 -8.87 14.79
N LEU A 223 52.65 -9.32 14.14
CA LEU A 223 53.46 -10.35 14.76
C LEU A 223 54.31 -9.80 15.91
N SER A 224 54.64 -8.50 15.88
CA SER A 224 55.47 -7.93 16.93
C SER A 224 54.65 -7.23 18.01
N ARG A 225 53.49 -6.70 17.68
CA ARG A 225 52.70 -5.92 18.64
C ARG A 225 53.49 -4.74 19.17
N LYS A 226 54.36 -4.17 18.32
CA LYS A 226 55.15 -3.00 18.66
C LYS A 226 54.87 -1.86 17.68
N GLN A 227 55.26 -0.66 18.08
CA GLN A 227 55.13 0.49 17.20
C GLN A 227 56.32 0.50 16.24
N PRO A 228 56.09 0.46 14.93
CA PRO A 228 57.23 0.47 13.99
C PRO A 228 58.05 1.73 14.16
N PHE A 229 59.37 1.57 14.22
CA PHE A 229 60.27 2.70 14.45
C PHE A 229 59.97 3.31 15.82
N GLU A 230 59.89 2.45 16.84
CA GLU A 230 59.42 2.92 18.14
C GLU A 230 60.32 4.01 18.67
N ASP A 231 61.63 3.84 18.54
CA ASP A 231 62.56 4.78 19.15
C ASP A 231 62.67 6.09 18.39
N VAL A 232 62.11 6.18 17.19
CA VAL A 232 62.15 7.41 16.41
C VAL A 232 60.94 8.25 16.81
N THR A 233 61.19 9.46 17.31
CA THR A 233 60.11 10.35 17.75
C THR A 233 59.68 11.32 16.67
N ASN A 234 60.49 11.52 15.64
CA ASN A 234 60.15 12.41 14.55
C ASN A 234 59.88 11.61 13.30
N PRO A 235 58.67 11.70 12.76
CA PRO A 235 58.36 10.96 11.52
C PRO A 235 59.24 11.35 10.36
N LEU A 236 59.79 12.58 10.34
CA LEU A 236 60.69 12.95 9.26
C LEU A 236 61.94 12.08 9.27
N GLN A 237 62.41 11.70 10.45
CA GLN A 237 63.52 10.76 10.53
C GLN A 237 63.11 9.38 10.04
N ILE A 238 61.89 8.96 10.35
CA ILE A 238 61.40 7.68 9.83
C ILE A 238 61.41 7.70 8.30
N MET A 239 60.89 8.78 7.71
CA MET A 239 60.87 8.90 6.25
C MET A 239 62.28 8.88 5.69
N TYR A 240 63.22 9.59 6.34
CA TYR A 240 64.59 9.57 5.86
C TYR A 240 65.13 8.15 5.84
N SER A 241 64.94 7.42 6.93
CA SER A 241 65.44 6.05 7.01
C SER A 241 64.84 5.22 5.89
N VAL A 242 63.52 5.30 5.72
CA VAL A 242 62.85 4.46 4.73
C VAL A 242 63.33 4.80 3.33
N SER A 243 63.50 6.09 3.05
CA SER A 243 64.09 6.46 1.77
C SER A 243 65.49 5.87 1.64
N GLN A 244 66.16 5.63 2.76
CA GLN A 244 67.47 5.00 2.77
C GLN A 244 67.41 3.49 2.76
N GLY A 245 66.23 2.89 2.67
CA GLY A 245 66.13 1.45 2.66
C GLY A 245 65.91 0.81 4.02
N HIS A 246 65.86 1.59 5.09
CA HIS A 246 65.66 1.04 6.42
C HIS A 246 64.18 0.71 6.65
N ARG A 247 63.97 -0.32 7.46
CA ARG A 247 62.62 -0.80 7.79
C ARG A 247 62.60 -1.10 9.29
N PRO A 248 61.44 -1.38 9.87
CA PRO A 248 61.40 -1.79 11.27
C PRO A 248 62.38 -2.90 11.57
N VAL A 249 62.90 -2.91 12.80
CA VAL A 249 63.94 -3.86 13.20
C VAL A 249 63.35 -5.26 13.31
N ILE A 250 64.06 -6.24 12.77
CA ILE A 250 63.64 -7.64 12.85
C ILE A 250 64.73 -8.37 13.64
N ASN A 251 64.44 -8.69 14.89
CA ASN A 251 65.35 -9.48 15.73
C ASN A 251 64.52 -10.26 16.73
N GLU A 252 65.20 -10.95 17.65
CA GLU A 252 64.51 -11.74 18.67
C GLU A 252 63.62 -10.86 19.55
N GLU A 253 63.99 -9.59 19.75
CA GLU A 253 63.21 -8.74 20.64
C GLU A 253 61.89 -8.32 20.00
N SER A 254 61.93 -7.93 18.72
CA SER A 254 60.68 -7.53 18.06
C SER A 254 59.86 -8.74 17.65
N LEU A 255 60.52 -9.80 17.18
CA LEU A 255 59.85 -11.02 16.74
C LEU A 255 60.51 -12.22 17.41
N PRO A 256 60.00 -12.67 18.55
CA PRO A 256 60.59 -13.82 19.23
C PRO A 256 60.59 -15.06 18.34
N TYR A 257 61.58 -15.93 18.58
CA TYR A 257 61.75 -17.14 17.76
C TYR A 257 60.66 -18.18 17.99
N ASP A 258 59.89 -18.08 19.07
CA ASP A 258 58.81 -19.01 19.34
C ASP A 258 57.54 -18.67 18.58
N ILE A 259 57.62 -17.76 17.61
CA ILE A 259 56.49 -17.39 16.77
C ILE A 259 56.22 -18.49 15.73
N PRO A 260 54.99 -18.98 15.62
CA PRO A 260 54.67 -19.94 14.56
C PRO A 260 54.94 -19.39 13.17
N HIS A 261 55.54 -20.23 12.33
CA HIS A 261 55.87 -19.90 10.94
C HIS A 261 56.67 -18.60 10.85
N ARG A 262 57.55 -18.39 11.83
CA ARG A 262 58.26 -17.11 11.90
C ARG A 262 59.09 -16.85 10.65
N ALA A 263 59.81 -17.88 10.17
CA ALA A 263 60.68 -17.69 9.01
C ALA A 263 59.89 -17.33 7.76
N ARG A 264 58.81 -18.07 7.50
CA ARG A 264 58.01 -17.79 6.32
C ARG A 264 57.44 -16.38 6.38
N MET A 265 56.96 -15.97 7.55
CA MET A 265 56.40 -14.63 7.71
C MET A 265 57.45 -13.55 7.52
N ILE A 266 58.65 -13.78 8.04
CA ILE A 266 59.72 -12.79 7.86
C ILE A 266 60.08 -12.66 6.39
N SER A 267 60.16 -13.78 5.67
CA SER A 267 60.44 -13.70 4.24
C SER A 267 59.35 -12.91 3.53
N LEU A 268 58.09 -13.18 3.86
CA LEU A 268 56.99 -12.42 3.27
C LEU A 268 57.15 -10.92 3.56
N ILE A 269 57.44 -10.57 4.82
CA ILE A 269 57.60 -9.17 5.18
C ILE A 269 58.71 -8.53 4.35
N GLU A 270 59.92 -9.10 4.43
CA GLU A 270 61.06 -8.45 3.79
C GLU A 270 60.87 -8.33 2.29
N SER A 271 60.16 -9.28 1.68
CA SER A 271 59.88 -9.12 0.25
C SER A 271 58.81 -8.07 0.00
N GLY A 272 57.89 -7.88 0.94
CA GLY A 272 56.80 -6.94 0.72
C GLY A 272 57.26 -5.49 0.69
N TRP A 273 58.20 -5.13 1.56
CA TRP A 273 58.68 -3.77 1.70
C TRP A 273 60.04 -3.57 1.02
N ALA A 274 60.32 -4.34 -0.02
CA ALA A 274 61.56 -4.17 -0.75
C ALA A 274 61.72 -2.72 -1.22
N GLN A 275 62.95 -2.22 -1.13
CA GLN A 275 63.21 -0.87 -1.62
C GLN A 275 62.72 -0.73 -3.06
N ASN A 276 62.97 -1.74 -3.88
CA ASN A 276 62.51 -1.71 -5.26
C ASN A 276 61.08 -2.23 -5.34
N PRO A 277 60.12 -1.43 -5.83
CA PRO A 277 58.74 -1.91 -5.91
C PRO A 277 58.58 -3.15 -6.76
N ASP A 278 59.42 -3.32 -7.79
CA ASP A 278 59.29 -4.49 -8.66
C ASP A 278 59.59 -5.77 -7.92
N GLU A 279 60.33 -5.69 -6.80
CA GLU A 279 60.64 -6.87 -6.00
C GLU A 279 59.52 -7.27 -5.04
N ARG A 280 58.49 -6.45 -4.89
CA ARG A 280 57.45 -6.77 -3.92
C ARG A 280 56.42 -7.70 -4.57
N PRO A 281 55.99 -8.74 -3.85
CA PRO A 281 55.10 -9.74 -4.44
C PRO A 281 53.66 -9.27 -4.56
N SER A 282 52.95 -9.91 -5.49
CA SER A 282 51.52 -9.68 -5.62
C SER A 282 50.78 -10.22 -4.41
N PHE A 283 49.57 -9.70 -4.19
CA PHE A 283 48.74 -10.23 -3.11
C PHE A 283 48.35 -11.67 -3.39
N LEU A 284 48.28 -12.07 -4.66
CA LEU A 284 48.01 -13.47 -4.98
C LEU A 284 49.15 -14.38 -4.52
N LYS A 285 50.40 -13.95 -4.72
CA LYS A 285 51.51 -14.72 -4.20
C LYS A 285 51.44 -14.84 -2.69
N CYS A 286 51.09 -13.75 -2.01
CA CYS A 286 50.97 -13.79 -0.55
C CYS A 286 49.86 -14.73 -0.11
N LEU A 287 48.74 -14.73 -0.82
CA LEU A 287 47.66 -15.65 -0.49
C LEU A 287 48.08 -17.11 -0.70
N ILE A 288 48.77 -17.38 -1.80
CA ILE A 288 49.28 -18.73 -2.03
C ILE A 288 50.19 -19.14 -0.87
N GLU A 289 51.07 -18.24 -0.42
CA GLU A 289 51.99 -18.58 0.67
C GLU A 289 51.28 -18.68 2.01
N LEU A 290 50.18 -17.95 2.19
CA LEU A 290 49.49 -17.91 3.49
C LEU A 290 48.52 -19.07 3.65
N GLU A 291 47.99 -19.58 2.55
CA GLU A 291 46.99 -20.65 2.61
C GLU A 291 47.44 -21.84 3.47
N PRO A 292 48.62 -22.43 3.26
CA PRO A 292 49.04 -23.53 4.14
C PRO A 292 49.21 -23.12 5.60
N VAL A 293 49.74 -21.92 5.83
CA VAL A 293 49.92 -21.44 7.21
C VAL A 293 48.58 -21.45 7.94
N LEU A 294 47.58 -20.80 7.37
CA LEU A 294 46.25 -20.85 7.98
C LEU A 294 45.71 -22.27 8.01
N ARG A 295 46.15 -23.11 7.09
CA ARG A 295 45.68 -24.49 7.06
C ARG A 295 46.17 -25.29 8.26
N THR A 296 47.30 -24.90 8.86
CA THR A 296 47.79 -25.62 10.03
C THR A 296 46.86 -25.46 11.23
N PHE A 297 46.00 -24.44 11.25
CA PHE A 297 45.15 -24.17 12.41
C PHE A 297 43.81 -24.88 12.30
N GLU A 298 43.35 -25.43 13.42
CA GLU A 298 42.07 -26.08 13.49
C GLU A 298 40.96 -25.05 13.66
N GLU A 299 39.79 -25.37 13.11
CA GLU A 299 38.71 -24.38 13.10
C GLU A 299 38.30 -23.96 14.50
N ILE A 300 38.38 -24.89 15.47
CA ILE A 300 37.95 -24.56 16.83
C ILE A 300 38.94 -23.64 17.52
N THR A 301 40.20 -23.65 17.10
CA THR A 301 41.20 -22.78 17.73
C THR A 301 40.87 -21.31 17.51
N PHE A 302 40.34 -20.97 16.32
CA PHE A 302 39.93 -19.60 16.06
C PHE A 302 38.81 -19.17 17.01
N LEU A 303 37.74 -19.96 17.09
CA LEU A 303 36.65 -19.60 17.99
C LEU A 303 37.16 -19.46 19.42
N GLU A 304 38.04 -20.37 19.84
CA GLU A 304 38.57 -20.30 21.19
C GLU A 304 39.39 -19.03 21.39
N ALA A 305 40.19 -18.65 20.40
CA ALA A 305 40.98 -17.44 20.52
C ALA A 305 40.10 -16.20 20.64
N VAL A 306 39.04 -16.14 19.82
CA VAL A 306 38.16 -14.97 19.86
C VAL A 306 37.42 -14.89 21.18
N ILE A 307 36.94 -16.03 21.70
CA ILE A 307 36.20 -15.98 22.96
C ILE A 307 37.14 -15.66 24.12
N GLN A 308 38.36 -16.19 24.08
CA GLN A 308 39.34 -15.85 25.10
C GLN A 308 39.61 -14.35 25.09
N LEU A 309 39.74 -13.78 23.89
CA LEU A 309 39.92 -12.33 23.75
C LEU A 309 38.75 -11.56 24.35
N LYS A 310 37.53 -11.94 23.95
CA LYS A 310 36.37 -11.19 24.42
C LYS A 310 36.20 -11.31 25.92
N LYS A 311 36.64 -12.42 26.51
CA LYS A 311 36.51 -12.59 27.94
C LYS A 311 37.56 -11.77 28.69
N THR A 312 38.81 -11.82 28.24
CA THR A 312 39.80 -11.00 28.94
C THR A 312 39.58 -9.51 28.69
N LYS A 313 38.85 -9.14 27.63
CA LYS A 313 38.55 -7.73 27.43
C LYS A 313 37.57 -7.21 28.47
N LEU A 314 36.60 -8.04 28.84
CA LEU A 314 35.77 -7.70 29.98
C LEU A 314 36.63 -7.88 31.23
N GLN A 315 36.06 -7.58 32.39
CA GLN A 315 36.77 -7.71 33.67
C GLN A 315 38.21 -7.22 33.54
N SER A 316 38.36 -6.07 32.88
CA SER A 316 39.64 -5.38 32.77
C SER A 316 39.43 -3.88 32.65
N ALA B 5 21.07 7.32 -7.38
CA ALA B 5 22.15 7.98 -8.12
C ALA B 5 23.35 7.05 -8.25
N ILE B 6 23.66 6.33 -7.18
CA ILE B 6 24.81 5.42 -7.14
C ILE B 6 24.32 4.01 -7.47
N CYS B 7 24.78 3.47 -8.59
CA CYS B 7 24.37 2.17 -9.09
C CYS B 7 25.56 1.21 -9.18
N SER B 8 25.34 -0.05 -8.82
CA SER B 8 26.39 -1.06 -8.84
C SER B 8 25.97 -2.27 -9.66
N ALA B 9 26.84 -2.69 -10.58
CA ALA B 9 26.60 -3.85 -11.41
C ALA B 9 27.09 -5.11 -10.71
N LEU B 10 26.27 -6.16 -10.78
CA LEU B 10 26.65 -7.44 -10.16
C LEU B 10 27.76 -8.10 -10.98
N PRO B 11 28.87 -8.46 -10.35
CA PRO B 11 30.00 -9.04 -11.11
C PRO B 11 29.60 -10.32 -11.81
N THR B 12 30.14 -10.51 -13.02
CA THR B 12 29.99 -11.74 -13.77
C THR B 12 31.21 -12.62 -13.53
N ILE B 13 30.98 -13.79 -12.95
CA ILE B 13 32.06 -14.69 -12.54
C ILE B 13 32.23 -15.74 -13.63
N PRO B 14 33.40 -15.80 -14.29
CA PRO B 14 33.64 -16.87 -15.27
C PRO B 14 33.60 -18.24 -14.62
N TYR B 15 32.89 -19.17 -15.25
CA TYR B 15 32.78 -20.51 -14.69
C TYR B 15 34.16 -21.13 -14.52
N HIS B 16 35.08 -20.87 -15.45
CA HIS B 16 36.39 -21.49 -15.40
C HIS B 16 37.20 -21.06 -14.18
N LYS B 17 36.74 -20.05 -13.46
CA LYS B 17 37.41 -19.61 -12.23
C LYS B 17 36.91 -20.34 -10.99
N LEU B 18 35.87 -21.16 -11.11
CA LEU B 18 35.34 -21.93 -9.98
C LEU B 18 35.97 -23.33 -9.99
N ALA B 19 36.77 -23.63 -8.98
CA ALA B 19 37.48 -24.88 -8.91
C ALA B 19 36.92 -25.74 -7.79
N ASP B 20 37.22 -27.05 -7.86
CA ASP B 20 36.82 -28.01 -6.83
C ASP B 20 35.30 -28.00 -6.61
N LEU B 21 34.54 -27.97 -7.71
CA LEU B 21 33.09 -28.04 -7.59
C LEU B 21 32.67 -29.36 -6.98
N ARG B 22 32.01 -29.31 -5.83
CA ARG B 22 31.53 -30.50 -5.14
C ARG B 22 30.11 -30.30 -4.68
N TYR B 23 29.26 -31.27 -5.03
CA TYR B 23 27.86 -31.24 -4.65
C TYR B 23 27.69 -31.07 -3.14
N LEU B 24 26.91 -30.08 -2.75
CA LEU B 24 26.50 -29.87 -1.36
C LEU B 24 25.07 -30.30 -1.10
N SER B 25 24.14 -29.93 -1.99
CA SER B 25 22.75 -30.30 -1.79
C SER B 25 22.01 -30.14 -3.10
N ARG B 26 20.97 -30.94 -3.28
CA ARG B 26 20.08 -30.86 -4.44
C ARG B 26 18.69 -30.49 -3.95
N GLY B 27 18.15 -29.39 -4.47
CA GLY B 27 16.86 -28.91 -4.02
C GLY B 27 15.86 -28.83 -5.14
N ALA B 28 14.71 -28.20 -4.88
CA ALA B 28 13.68 -28.12 -5.91
C ALA B 28 14.09 -27.16 -7.01
N SER B 29 14.77 -26.07 -6.66
CA SER B 29 15.12 -25.03 -7.62
C SER B 29 16.46 -25.29 -8.30
N GLY B 30 17.39 -25.98 -7.66
CA GLY B 30 18.66 -26.23 -8.29
C GLY B 30 19.56 -27.11 -7.47
N THR B 31 20.84 -27.08 -7.82
CA THR B 31 21.90 -27.82 -7.16
C THR B 31 22.91 -26.83 -6.60
N VAL B 32 23.20 -26.95 -5.32
CA VAL B 32 24.15 -26.09 -4.62
C VAL B 32 25.41 -26.89 -4.38
N SER B 33 26.54 -26.34 -4.85
CA SER B 33 27.85 -26.97 -4.74
C SER B 33 28.84 -25.99 -4.11
N SER B 34 29.84 -26.52 -3.42
CA SER B 34 30.92 -25.66 -2.94
C SER B 34 31.99 -25.56 -4.01
N ALA B 35 32.76 -24.48 -3.96
CA ALA B 35 33.82 -24.25 -4.92
C ALA B 35 34.83 -23.26 -4.33
N ARG B 36 35.93 -23.10 -5.03
CA ARG B 36 36.97 -22.15 -4.67
C ARG B 36 37.22 -21.22 -5.84
N HIS B 37 37.20 -19.92 -5.59
CA HIS B 37 37.45 -18.93 -6.64
C HIS B 37 38.96 -18.84 -6.88
N ALA B 38 39.37 -19.05 -8.14
CA ALA B 38 40.79 -19.12 -8.44
C ALA B 38 41.51 -17.79 -8.23
N ASP B 39 40.81 -16.68 -8.45
CA ASP B 39 41.43 -15.36 -8.33
C ASP B 39 41.30 -14.80 -6.92
N TRP B 40 40.11 -14.90 -6.33
CA TRP B 40 39.85 -14.28 -5.03
C TRP B 40 40.35 -15.11 -3.86
N ARG B 41 40.58 -16.41 -4.06
CA ARG B 41 41.13 -17.27 -3.02
C ARG B 41 40.14 -17.46 -1.86
N VAL B 42 38.84 -17.45 -2.17
CA VAL B 42 37.80 -17.67 -1.18
C VAL B 42 36.90 -18.78 -1.67
N GLN B 43 36.23 -19.44 -0.72
CA GLN B 43 35.27 -20.47 -1.06
C GLN B 43 33.89 -19.85 -1.30
N VAL B 44 33.18 -20.40 -2.28
CA VAL B 44 31.87 -19.90 -2.67
C VAL B 44 30.89 -21.06 -2.81
N ALA B 45 29.60 -20.72 -2.79
CA ALA B 45 28.56 -21.67 -3.09
C ALA B 45 27.92 -21.31 -4.42
N VAL B 46 27.63 -22.32 -5.24
CA VAL B 46 27.08 -22.13 -6.57
C VAL B 46 25.77 -22.89 -6.65
N LYS B 47 24.69 -22.17 -6.92
CA LYS B 47 23.37 -22.75 -7.16
C LYS B 47 23.08 -22.68 -8.64
N HIS B 48 22.98 -23.84 -9.29
CA HIS B 48 22.76 -23.91 -10.72
C HIS B 48 21.62 -24.87 -11.06
N LEU B 49 20.96 -24.62 -12.19
CA LEU B 49 19.91 -25.50 -12.67
C LEU B 49 20.50 -26.72 -13.39
N LEU B 55 18.14 -25.44 -21.05
CA LEU B 55 17.38 -24.57 -20.16
C LEU B 55 16.39 -23.71 -20.95
N LEU B 56 15.13 -23.73 -20.51
CA LEU B 56 14.10 -22.91 -21.13
C LEU B 56 14.32 -21.44 -20.74
N ASP B 57 14.13 -20.55 -21.72
CA ASP B 57 14.43 -19.14 -21.50
C ASP B 57 13.67 -18.57 -20.32
N SER B 58 12.50 -19.14 -20.00
CA SER B 58 11.74 -18.67 -18.83
C SER B 58 12.47 -19.00 -17.53
N GLU B 59 13.03 -20.21 -17.43
CA GLU B 59 13.78 -20.57 -16.24
C GLU B 59 15.10 -19.79 -16.16
N ARG B 60 15.72 -19.51 -17.31
CA ARG B 60 16.88 -18.61 -17.31
C ARG B 60 16.48 -17.25 -16.74
N LYS B 61 15.31 -16.75 -17.12
CA LYS B 61 14.81 -15.51 -16.54
C LYS B 61 14.59 -15.65 -15.04
N ASP B 62 14.12 -16.82 -14.60
CA ASP B 62 13.95 -17.05 -13.17
C ASP B 62 15.28 -16.90 -12.43
N VAL B 63 16.33 -17.53 -12.96
CA VAL B 63 17.64 -17.48 -12.31
C VAL B 63 18.16 -16.05 -12.27
N LEU B 64 18.08 -15.35 -13.39
CA LEU B 64 18.55 -13.97 -13.44
C LEU B 64 17.76 -13.09 -12.48
N ARG B 65 16.45 -13.33 -12.37
CA ARG B 65 15.61 -12.53 -11.47
C ARG B 65 16.02 -12.74 -10.02
N GLU B 66 16.26 -13.99 -9.63
CA GLU B 66 16.71 -14.23 -8.26
C GLU B 66 18.06 -13.57 -8.01
N ALA B 67 18.96 -13.64 -8.98
CA ALA B 67 20.27 -12.99 -8.81
C ALA B 67 20.10 -11.50 -8.58
N GLU B 68 19.30 -10.84 -9.42
CA GLU B 68 19.10 -9.41 -9.26
C GLU B 68 18.45 -9.08 -7.92
N ILE B 69 17.49 -9.90 -7.48
CA ILE B 69 16.83 -9.62 -6.21
C ILE B 69 17.82 -9.72 -5.07
N LEU B 70 18.59 -10.81 -5.03
CA LEU B 70 19.64 -10.91 -4.00
C LEU B 70 20.55 -9.71 -4.04
N HIS B 71 20.87 -9.24 -5.25
CA HIS B 71 21.79 -8.12 -5.36
C HIS B 71 21.22 -6.85 -4.77
N LYS B 72 19.92 -6.61 -4.99
CA LYS B 72 19.31 -5.39 -4.45
C LYS B 72 18.96 -5.53 -2.97
N ALA B 73 18.74 -6.75 -2.50
CA ALA B 73 18.33 -6.99 -1.12
C ALA B 73 19.51 -7.24 -0.18
N ARG B 74 20.74 -6.87 -0.58
CA ARG B 74 21.88 -7.07 0.29
C ARG B 74 21.63 -6.44 1.65
N PHE B 75 22.02 -7.17 2.70
CA PHE B 75 21.90 -6.70 4.07
C PHE B 75 22.61 -7.70 4.97
N SER B 76 22.86 -7.27 6.21
CA SER B 76 23.71 -8.04 7.11
C SER B 76 23.22 -9.47 7.30
N TYR B 77 21.91 -9.70 7.20
CA TYR B 77 21.36 -11.02 7.47
C TYR B 77 20.76 -11.68 6.22
N ILE B 78 21.17 -11.24 5.04
CA ILE B 78 20.78 -11.85 3.78
C ILE B 78 22.02 -12.50 3.17
N LEU B 79 21.84 -13.66 2.56
CA LEU B 79 22.97 -14.35 1.94
C LEU B 79 23.65 -13.41 0.95
N PRO B 80 24.92 -13.09 1.15
CA PRO B 80 25.60 -12.15 0.24
C PRO B 80 25.93 -12.85 -1.08
N ILE B 81 25.43 -12.30 -2.18
CA ILE B 81 25.71 -12.84 -3.49
C ILE B 81 27.01 -12.21 -3.97
N LEU B 82 27.94 -13.05 -4.42
CA LEU B 82 29.25 -12.59 -4.88
C LEU B 82 29.28 -12.33 -6.37
N GLY B 83 28.39 -12.96 -7.12
CA GLY B 83 28.32 -12.74 -8.55
C GLY B 83 27.36 -13.73 -9.15
N ILE B 84 27.17 -13.59 -10.45
CA ILE B 84 26.34 -14.49 -11.25
C ILE B 84 27.22 -15.05 -12.35
N CYS B 85 27.08 -16.34 -12.60
CA CYS B 85 27.77 -16.99 -13.71
C CYS B 85 26.75 -17.14 -14.85
N ASN B 86 26.97 -16.38 -15.93
CA ASN B 86 26.04 -16.34 -17.07
C ASN B 86 26.85 -16.68 -18.32
N GLU B 87 26.96 -17.96 -18.62
CA GLU B 87 27.74 -18.46 -19.74
C GLU B 87 26.89 -19.36 -20.61
N PRO B 88 27.36 -19.69 -21.82
CA PRO B 88 26.59 -20.63 -22.67
C PRO B 88 26.36 -21.98 -22.02
N GLU B 89 27.33 -22.49 -21.25
CA GLU B 89 27.29 -23.85 -20.74
C GLU B 89 27.05 -23.90 -19.24
N PHE B 90 26.67 -22.78 -18.62
CA PHE B 90 26.40 -22.80 -17.19
C PHE B 90 25.65 -21.54 -16.80
N LEU B 91 24.68 -21.70 -15.90
CA LEU B 91 23.94 -20.58 -15.33
C LEU B 91 23.80 -20.85 -13.84
N GLY B 92 24.44 -20.04 -13.01
CA GLY B 92 24.43 -20.28 -11.58
C GLY B 92 24.63 -19.00 -10.81
N ILE B 93 24.01 -18.93 -9.65
CA ILE B 93 24.20 -17.84 -8.71
C ILE B 93 25.33 -18.22 -7.75
N VAL B 94 26.30 -17.33 -7.60
CA VAL B 94 27.43 -17.55 -6.72
C VAL B 94 27.24 -16.69 -5.47
N THR B 95 27.35 -17.32 -4.30
CA THR B 95 27.17 -16.65 -3.02
C THR B 95 28.29 -17.06 -2.07
N GLU B 96 28.32 -16.42 -0.90
CA GLU B 96 29.26 -16.81 0.13
C GLU B 96 28.99 -18.23 0.58
N TYR B 97 30.06 -18.95 0.91
CA TYR B 97 29.93 -20.31 1.40
C TYR B 97 29.67 -20.30 2.91
N MET B 98 28.62 -20.98 3.34
CA MET B 98 28.21 -21.08 4.73
C MET B 98 28.59 -22.45 5.30
N PRO B 99 29.68 -22.55 6.07
CA PRO B 99 30.15 -23.89 6.48
C PRO B 99 29.17 -24.64 7.34
N ASN B 100 28.25 -23.97 8.02
CA ASN B 100 27.38 -24.62 8.99
C ASN B 100 25.99 -24.92 8.42
N GLY B 101 25.86 -25.03 7.11
CA GLY B 101 24.60 -25.52 6.56
C GLY B 101 23.44 -24.63 6.91
N SER B 102 22.28 -25.25 7.15
CA SER B 102 21.04 -24.54 7.34
C SER B 102 20.54 -24.70 8.76
N LEU B 103 19.58 -23.85 9.14
CA LEU B 103 18.96 -23.97 10.46
C LEU B 103 18.30 -25.33 10.62
N ASN B 104 17.84 -25.91 9.53
CA ASN B 104 17.21 -27.23 9.57
C ASN B 104 18.14 -28.26 10.18
N GLU B 105 19.37 -28.35 9.66
CA GLU B 105 20.34 -29.30 10.19
C GLU B 105 20.56 -29.09 11.68
N LEU B 106 20.82 -27.82 12.07
CA LEU B 106 21.06 -27.52 13.48
C LEU B 106 19.90 -27.95 14.35
N LEU B 107 18.67 -27.73 13.90
CA LEU B 107 17.54 -28.02 14.77
C LEU B 107 17.23 -29.50 14.85
N HIS B 108 17.40 -30.25 13.75
CA HIS B 108 16.84 -31.59 13.72
C HIS B 108 17.86 -32.72 13.74
N ARG B 109 19.13 -32.48 13.39
CA ARG B 109 20.13 -33.54 13.50
C ARG B 109 20.63 -33.57 14.95
N LYS B 110 19.85 -34.26 15.79
CA LYS B 110 20.09 -34.26 17.22
C LYS B 110 21.29 -35.09 17.63
N THR B 111 21.83 -35.91 16.74
CA THR B 111 23.08 -36.57 17.08
C THR B 111 24.25 -35.62 16.93
N GLU B 112 24.30 -34.88 15.82
CA GLU B 112 25.33 -33.85 15.65
C GLU B 112 25.22 -32.80 16.75
N TYR B 113 24.02 -32.32 17.01
CA TYR B 113 23.78 -31.22 17.93
C TYR B 113 22.83 -31.69 19.02
N PRO B 114 23.33 -32.50 19.96
CA PRO B 114 22.46 -32.96 21.04
C PRO B 114 21.87 -31.81 21.83
N ASP B 115 22.65 -30.76 22.05
CA ASP B 115 22.22 -29.57 22.77
C ASP B 115 22.44 -28.35 21.90
N VAL B 116 21.46 -27.45 21.89
CA VAL B 116 21.58 -26.15 21.25
C VAL B 116 21.12 -25.13 22.29
N ALA B 117 22.06 -24.41 22.90
CA ALA B 117 21.72 -23.55 24.03
C ALA B 117 20.74 -22.47 23.61
N TRP B 118 19.80 -22.17 24.51
CA TRP B 118 18.75 -21.20 24.19
C TRP B 118 19.28 -19.86 23.69
N PRO B 119 20.34 -19.29 24.24
CA PRO B 119 20.83 -18.01 23.70
C PRO B 119 21.08 -18.06 22.21
N LEU B 120 21.68 -19.14 21.71
CA LEU B 120 21.94 -19.25 20.28
C LEU B 120 20.65 -19.27 19.48
N ARG B 121 19.67 -20.07 19.93
CA ARG B 121 18.39 -20.14 19.24
C ARG B 121 17.74 -18.77 19.16
N PHE B 122 17.72 -18.04 20.28
CA PHE B 122 17.06 -16.75 20.29
C PHE B 122 17.81 -15.73 19.44
N ARG B 123 19.14 -15.79 19.40
CA ARG B 123 19.83 -14.90 18.48
C ARG B 123 19.47 -15.22 17.04
N ILE B 124 19.35 -16.52 16.71
CA ILE B 124 18.96 -16.90 15.35
C ILE B 124 17.58 -16.34 15.02
N LEU B 125 16.64 -16.49 15.96
CA LEU B 125 15.28 -15.98 15.76
C LEU B 125 15.30 -14.47 15.54
N HIS B 126 16.05 -13.76 16.38
CA HIS B 126 16.18 -12.32 16.26
C HIS B 126 16.76 -11.92 14.91
N GLU B 127 17.79 -12.62 14.45
CA GLU B 127 18.41 -12.22 13.19
C GLU B 127 17.50 -12.52 12.00
N ILE B 128 16.76 -13.64 12.04
CA ILE B 128 15.76 -13.86 11.00
C ILE B 128 14.76 -12.72 10.97
N ALA B 129 14.27 -12.34 12.15
CA ALA B 129 13.32 -11.23 12.21
C ALA B 129 13.93 -9.95 11.65
N LEU B 130 15.19 -9.67 11.98
CA LEU B 130 15.85 -8.47 11.48
C LEU B 130 15.95 -8.49 9.95
N GLY B 131 16.40 -9.60 9.39
CA GLY B 131 16.57 -9.67 7.95
C GLY B 131 15.25 -9.51 7.22
N VAL B 132 14.23 -10.22 7.69
CA VAL B 132 12.93 -10.14 7.03
C VAL B 132 12.33 -8.75 7.19
N ASN B 133 12.53 -8.12 8.36
CA ASN B 133 12.07 -6.76 8.54
C ASN B 133 12.76 -5.82 7.56
N TYR B 134 14.06 -5.98 7.36
CA TYR B 134 14.75 -5.18 6.37
C TYR B 134 14.11 -5.36 5.00
N LEU B 135 13.87 -6.61 4.60
CA LEU B 135 13.21 -6.85 3.31
C LEU B 135 11.90 -6.10 3.22
N HIS B 136 11.07 -6.22 4.26
CA HIS B 136 9.78 -5.57 4.27
C HIS B 136 9.89 -4.06 4.29
N ASN B 137 11.02 -3.51 4.73
CA ASN B 137 11.21 -2.06 4.75
C ASN B 137 11.80 -1.52 3.46
N MET B 138 12.08 -2.37 2.48
CA MET B 138 12.60 -1.87 1.23
C MET B 138 11.52 -1.06 0.50
N THR B 139 11.93 -0.36 -0.54
CA THR B 139 11.01 0.39 -1.39
C THR B 139 11.25 -0.06 -2.82
N PRO B 140 10.33 -0.82 -3.41
CA PRO B 140 9.14 -1.23 -2.65
C PRO B 140 9.49 -2.39 -1.72
N PRO B 141 8.68 -2.62 -0.68
CA PRO B 141 8.93 -3.76 0.20
C PRO B 141 8.98 -5.06 -0.59
N LEU B 142 9.93 -5.92 -0.25
CA LEU B 142 10.07 -7.22 -0.86
C LEU B 142 9.55 -8.29 0.11
N LEU B 143 8.60 -9.10 -0.36
CA LEU B 143 8.04 -10.19 0.43
C LEU B 143 8.72 -11.48 0.02
N HIS B 144 9.34 -12.16 1.00
CA HIS B 144 10.12 -13.36 0.72
C HIS B 144 9.23 -14.51 0.27
N HIS B 145 8.20 -14.81 1.05
CA HIS B 145 7.14 -15.77 0.72
C HIS B 145 7.61 -17.21 0.62
N ASP B 146 8.83 -17.53 1.02
CA ASP B 146 9.24 -18.94 1.04
C ASP B 146 10.26 -19.18 2.14
N LEU B 147 10.04 -18.57 3.30
CA LEU B 147 10.91 -18.80 4.43
C LEU B 147 10.73 -20.21 4.96
N LYS B 148 11.85 -20.86 5.30
CA LYS B 148 11.80 -22.14 5.99
C LYS B 148 13.16 -22.41 6.62
N THR B 149 13.17 -23.31 7.61
CA THR B 149 14.41 -23.59 8.32
C THR B 149 15.50 -24.14 7.40
N GLN B 150 15.15 -24.52 6.17
CA GLN B 150 16.13 -24.92 5.18
C GLN B 150 16.70 -23.73 4.42
N ASN B 151 15.97 -22.60 4.36
CA ASN B 151 16.44 -21.40 3.68
C ASN B 151 17.38 -20.56 4.51
N ILE B 152 17.41 -20.77 5.83
CA ILE B 152 18.18 -19.95 6.76
C ILE B 152 19.55 -20.59 6.95
N LEU B 153 20.57 -20.03 6.29
CA LEU B 153 21.92 -20.55 6.40
C LEU B 153 22.63 -19.90 7.58
N LEU B 154 23.63 -20.59 8.11
CA LEU B 154 24.38 -20.15 9.29
C LEU B 154 25.85 -20.06 8.94
N ASP B 155 26.44 -18.89 9.15
CA ASP B 155 27.84 -18.66 8.81
C ASP B 155 28.76 -19.24 9.89
N ASN B 156 30.05 -18.93 9.80
CA ASN B 156 31.06 -19.60 10.64
C ASN B 156 30.81 -19.40 12.13
N GLU B 157 30.17 -18.30 12.52
CA GLU B 157 29.84 -18.07 13.92
C GLU B 157 28.35 -18.15 14.17
N PHE B 158 27.60 -18.81 13.28
CA PHE B 158 26.18 -19.10 13.50
C PHE B 158 25.33 -17.82 13.54
N HIS B 159 25.54 -16.96 12.55
CA HIS B 159 24.71 -15.81 12.28
C HIS B 159 23.85 -16.09 11.05
N VAL B 160 22.64 -15.53 11.04
CA VAL B 160 21.66 -15.86 10.03
C VAL B 160 22.02 -15.26 8.68
N LYS B 161 21.77 -16.01 7.62
CA LYS B 161 21.80 -15.52 6.24
C LYS B 161 20.56 -16.09 5.56
N ILE B 162 19.63 -15.22 5.20
CA ILE B 162 18.41 -15.67 4.56
C ILE B 162 18.69 -15.92 3.09
N ALA B 163 18.13 -17.01 2.55
CA ALA B 163 18.35 -17.38 1.16
C ALA B 163 17.04 -17.79 0.51
N ASP B 164 17.14 -18.20 -0.76
CA ASP B 164 16.03 -18.71 -1.55
C ASP B 164 14.99 -17.62 -1.77
N PHE B 165 15.27 -16.71 -2.69
CA PHE B 165 14.34 -15.63 -3.05
C PHE B 165 13.61 -15.91 -4.35
N GLY B 166 13.32 -17.17 -4.64
CA GLY B 166 12.67 -17.51 -5.89
C GLY B 166 11.22 -17.15 -5.94
N LEU B 167 10.56 -17.07 -4.79
CA LEU B 167 9.13 -16.78 -4.72
C LEU B 167 8.96 -15.45 -4.03
N SER B 168 9.08 -14.34 -4.76
CA SER B 168 9.08 -13.04 -4.09
C SER B 168 8.34 -12.00 -4.88
N LYS B 169 7.87 -10.98 -4.16
CA LYS B 169 6.99 -9.94 -4.69
C LYS B 169 7.46 -8.58 -4.17
N TRP B 170 7.03 -7.51 -4.83
CA TRP B 170 7.36 -6.14 -4.42
C TRP B 170 6.11 -5.28 -4.21
N ARG B 171 5.31 -5.53 -3.17
CA ARG B 171 4.15 -4.63 -3.05
C ARG B 171 3.52 -4.56 -1.65
N MET B 172 4.21 -4.94 -0.59
CA MET B 172 3.58 -5.07 0.73
C MET B 172 2.95 -3.76 1.17
N MET B 173 1.92 -3.88 2.02
CA MET B 173 1.14 -2.74 2.48
C MET B 173 1.43 -2.39 3.93
N SER B 174 1.12 -3.28 4.88
CA SER B 174 1.35 -3.02 6.30
C SER B 174 2.50 -3.87 6.85
N THR B 189 8.36 -27.59 3.00
CA THR B 189 7.95 -26.96 1.75
C THR B 189 6.73 -26.07 1.94
N ILE B 190 5.53 -26.67 2.06
CA ILE B 190 4.32 -25.92 2.31
C ILE B 190 3.97 -25.87 3.79
N ILE B 191 4.73 -26.56 4.64
CA ILE B 191 4.45 -26.56 6.06
C ILE B 191 4.53 -25.16 6.63
N TYR B 192 5.20 -24.24 5.91
CA TYR B 192 5.35 -22.85 6.32
C TYR B 192 4.41 -21.91 5.57
N MET B 193 3.41 -22.44 4.84
CA MET B 193 2.52 -21.63 4.03
C MET B 193 1.23 -21.32 4.77
N PRO B 194 0.79 -20.07 4.75
CA PRO B 194 -0.44 -19.69 5.45
C PRO B 194 -1.66 -20.20 4.72
N PRO B 195 -2.80 -20.33 5.41
CA PRO B 195 -3.98 -20.91 4.78
C PRO B 195 -4.59 -20.00 3.72
N GLU B 196 -5.33 -20.61 2.82
CA GLU B 196 -6.01 -19.88 1.74
C GLU B 196 -7.48 -19.63 2.08
N LYS B 203 -13.66 -13.85 1.00
CA LYS B 203 -12.68 -13.13 1.80
C LYS B 203 -11.78 -12.27 0.91
N SER B 204 -11.18 -11.24 1.51
CA SER B 204 -10.19 -10.40 0.86
C SER B 204 -8.80 -10.82 1.33
N ARG B 205 -7.91 -11.06 0.38
CA ARG B 205 -6.62 -11.70 0.65
C ARG B 205 -5.49 -10.67 0.65
N ALA B 206 -4.68 -10.69 1.70
CA ALA B 206 -3.49 -9.84 1.84
C ALA B 206 -2.28 -10.75 1.99
N SER B 207 -1.40 -10.75 0.99
CA SER B 207 -0.17 -11.52 1.01
C SER B 207 1.00 -10.76 1.61
N ILE B 208 0.73 -9.61 2.22
CA ILE B 208 1.76 -8.96 3.03
C ILE B 208 2.03 -9.81 4.27
N LYS B 209 0.97 -10.38 4.86
CA LYS B 209 1.08 -11.16 6.09
C LYS B 209 1.51 -12.60 5.83
N HIS B 210 2.14 -12.88 4.69
CA HIS B 210 2.58 -14.24 4.39
C HIS B 210 3.80 -14.61 5.23
N ASP B 211 4.87 -13.81 5.12
CA ASP B 211 6.14 -14.17 5.76
C ASP B 211 5.97 -14.37 7.25
N ILE B 212 5.11 -13.58 7.89
CA ILE B 212 4.98 -13.67 9.35
C ILE B 212 4.45 -15.04 9.76
N TYR B 213 3.53 -15.61 8.98
CA TYR B 213 3.05 -16.96 9.29
C TYR B 213 4.20 -17.95 9.26
N SER B 214 4.99 -17.92 8.19
CA SER B 214 6.16 -18.78 8.12
C SER B 214 7.09 -18.56 9.32
N TYR B 215 7.29 -17.30 9.70
CA TYR B 215 8.17 -17.00 10.82
C TYR B 215 7.62 -17.58 12.11
N ALA B 216 6.30 -17.54 12.29
CA ALA B 216 5.68 -18.18 13.45
C ALA B 216 5.99 -19.66 13.47
N VAL B 217 5.83 -20.33 12.33
CA VAL B 217 6.13 -21.76 12.27
C VAL B 217 7.60 -22.01 12.56
N ILE B 218 8.49 -21.20 11.97
CA ILE B 218 9.92 -21.37 12.21
C ILE B 218 10.23 -21.19 13.69
N THR B 219 9.56 -20.24 14.34
CA THR B 219 9.75 -20.02 15.76
C THR B 219 9.34 -21.24 16.57
N TRP B 220 8.14 -21.75 16.30
CA TRP B 220 7.70 -22.98 16.96
C TRP B 220 8.69 -24.11 16.74
N GLU B 221 9.23 -24.21 15.52
CA GLU B 221 10.19 -25.26 15.21
C GLU B 221 11.45 -25.08 16.04
N VAL B 222 12.01 -23.87 16.04
CA VAL B 222 13.28 -23.60 16.72
C VAL B 222 13.15 -23.88 18.20
N LEU B 223 12.03 -23.47 18.80
CA LEU B 223 11.84 -23.65 20.23
C LEU B 223 11.53 -25.10 20.60
N SER B 224 10.94 -25.86 19.67
CA SER B 224 10.57 -27.24 19.97
C SER B 224 11.59 -28.27 19.50
N ARG B 225 12.34 -27.95 18.44
CA ARG B 225 13.23 -28.92 17.80
C ARG B 225 12.44 -30.11 17.28
N LYS B 226 11.17 -29.88 16.94
CA LYS B 226 10.30 -30.92 16.41
C LYS B 226 9.82 -30.52 15.02
N GLN B 227 9.38 -31.53 14.28
CA GLN B 227 8.85 -31.30 12.95
C GLN B 227 7.39 -30.85 13.04
N PRO B 228 7.04 -29.69 12.49
CA PRO B 228 5.64 -29.26 12.55
C PRO B 228 4.74 -30.27 11.84
N PHE B 229 3.64 -30.63 12.50
CA PHE B 229 2.72 -31.64 11.97
C PHE B 229 3.41 -33.00 11.88
N GLU B 230 3.96 -33.44 13.02
CA GLU B 230 4.80 -34.63 13.05
C GLU B 230 4.05 -35.87 12.57
N ASP B 231 2.80 -36.05 13.01
CA ASP B 231 2.01 -37.24 12.73
C ASP B 231 1.41 -37.26 11.33
N VAL B 232 1.58 -36.20 10.56
CA VAL B 232 0.97 -36.08 9.24
C VAL B 232 1.82 -36.79 8.20
N THR B 233 1.21 -37.73 7.47
CA THR B 233 1.92 -38.48 6.44
C THR B 233 1.73 -37.91 5.03
N ASN B 234 0.67 -37.13 4.78
CA ASN B 234 0.49 -36.48 3.49
C ASN B 234 0.44 -34.96 3.67
N PRO B 235 1.27 -34.20 2.95
CA PRO B 235 1.27 -32.73 3.14
C PRO B 235 -0.10 -32.09 2.96
N LEU B 236 -0.95 -32.69 2.13
CA LEU B 236 -2.30 -32.16 1.98
C LEU B 236 -3.05 -32.20 3.30
N GLN B 237 -2.70 -33.16 4.17
CA GLN B 237 -3.26 -33.16 5.52
C GLN B 237 -2.90 -31.87 6.24
N ILE B 238 -1.66 -31.40 6.04
CA ILE B 238 -1.24 -30.12 6.61
C ILE B 238 -2.09 -28.99 6.07
N MET B 239 -2.29 -28.96 4.75
CA MET B 239 -3.10 -27.88 4.18
C MET B 239 -4.51 -27.90 4.74
N TYR B 240 -5.13 -29.07 4.81
CA TYR B 240 -6.49 -29.16 5.33
C TYR B 240 -6.53 -28.67 6.78
N SER B 241 -5.61 -29.16 7.61
CA SER B 241 -5.60 -28.78 9.02
C SER B 241 -5.42 -27.28 9.20
N VAL B 242 -4.43 -26.69 8.53
CA VAL B 242 -4.20 -25.25 8.71
C VAL B 242 -5.40 -24.46 8.18
N SER B 243 -5.96 -24.88 7.05
CA SER B 243 -7.16 -24.21 6.54
C SER B 243 -8.31 -24.30 7.53
N GLN B 244 -8.31 -25.30 8.39
CA GLN B 244 -9.33 -25.46 9.41
C GLN B 244 -8.99 -24.70 10.68
N GLY B 245 -7.92 -23.91 10.68
CA GLY B 245 -7.53 -23.13 11.83
C GLY B 245 -6.59 -23.83 12.77
N HIS B 246 -6.22 -25.08 12.47
CA HIS B 246 -5.32 -25.87 13.30
C HIS B 246 -3.86 -25.60 12.95
N ARG B 247 -3.01 -25.69 13.96
CA ARG B 247 -1.59 -25.39 13.84
C ARG B 247 -0.77 -26.45 14.58
N PRO B 248 0.56 -26.39 14.48
CA PRO B 248 1.40 -27.27 15.29
C PRO B 248 0.99 -27.24 16.76
N VAL B 249 1.16 -28.38 17.42
CA VAL B 249 0.72 -28.54 18.80
C VAL B 249 1.59 -27.74 19.74
N ILE B 250 0.95 -27.05 20.69
CA ILE B 250 1.66 -26.30 21.73
C ILE B 250 1.29 -26.93 23.07
N ASN B 251 2.21 -27.71 23.63
CA ASN B 251 2.04 -28.27 24.95
C ASN B 251 3.41 -28.46 25.57
N GLU B 252 3.46 -29.08 26.75
CA GLU B 252 4.76 -29.29 27.40
C GLU B 252 5.69 -30.12 26.55
N GLU B 253 5.16 -31.03 25.73
CA GLU B 253 6.04 -31.90 24.96
C GLU B 253 6.70 -31.13 23.82
N SER B 254 5.94 -30.29 23.12
CA SER B 254 6.54 -29.54 22.01
C SER B 254 7.36 -28.36 22.50
N LEU B 255 6.88 -27.69 23.55
CA LEU B 255 7.57 -26.52 24.10
C LEU B 255 7.72 -26.68 25.61
N PRO B 256 8.85 -27.18 26.09
CA PRO B 256 9.03 -27.36 27.53
C PRO B 256 8.88 -26.04 28.27
N TYR B 257 8.41 -26.12 29.52
CA TYR B 257 8.17 -24.92 30.30
C TYR B 257 9.45 -24.18 30.66
N ASP B 258 10.61 -24.82 30.52
CA ASP B 258 11.87 -24.18 30.83
C ASP B 258 12.35 -23.28 29.70
N ILE B 259 11.50 -22.99 28.73
CA ILE B 259 11.87 -22.06 27.66
C ILE B 259 11.89 -20.64 28.22
N PRO B 260 12.96 -19.88 28.01
CA PRO B 260 12.95 -18.48 28.40
C PRO B 260 11.81 -17.73 27.73
N HIS B 261 11.09 -16.93 28.50
CA HIS B 261 9.98 -16.13 27.98
C HIS B 261 8.97 -16.99 27.22
N ARG B 262 8.70 -18.20 27.71
CA ARG B 262 7.85 -19.10 26.95
C ARG B 262 6.49 -18.47 26.68
N ALA B 263 5.91 -17.80 27.68
CA ALA B 263 4.59 -17.21 27.49
C ALA B 263 4.61 -16.14 26.40
N ARG B 264 5.58 -15.21 26.47
CA ARG B 264 5.68 -14.19 25.42
C ARG B 264 5.93 -14.80 24.05
N MET B 265 6.81 -15.81 23.98
CA MET B 265 7.10 -16.43 22.70
C MET B 265 5.87 -17.14 22.15
N ILE B 266 5.09 -17.79 23.02
CA ILE B 266 3.89 -18.45 22.55
C ILE B 266 2.89 -17.43 22.03
N SER B 267 2.76 -16.31 22.72
CA SER B 267 1.86 -15.25 22.23
C SER B 267 2.35 -14.74 20.87
N LEU B 268 3.66 -14.55 20.72
CA LEU B 268 4.24 -14.15 19.45
C LEU B 268 3.88 -15.15 18.35
N ILE B 269 4.07 -16.44 18.64
CA ILE B 269 3.78 -17.50 17.67
C ILE B 269 2.31 -17.48 17.30
N GLU B 270 1.44 -17.57 18.30
CA GLU B 270 0.00 -17.70 18.04
C GLU B 270 -0.54 -16.48 17.30
N SER B 271 0.00 -15.29 17.54
CA SER B 271 -0.42 -14.17 16.72
C SER B 271 0.19 -14.25 15.32
N GLY B 272 1.37 -14.87 15.21
CA GLY B 272 2.03 -14.93 13.91
C GLY B 272 1.29 -15.80 12.91
N TRP B 273 0.71 -16.91 13.39
CA TRP B 273 -0.03 -17.82 12.51
C TRP B 273 -1.54 -17.70 12.70
N ALA B 274 -2.01 -16.53 13.14
CA ALA B 274 -3.45 -16.33 13.27
C ALA B 274 -4.14 -16.62 11.95
N GLN B 275 -5.31 -17.27 12.03
CA GLN B 275 -6.04 -17.58 10.81
C GLN B 275 -6.28 -16.32 9.99
N ASN B 276 -6.61 -15.23 10.65
CA ASN B 276 -6.84 -13.96 9.96
C ASN B 276 -5.51 -13.23 9.74
N PRO B 277 -5.15 -12.92 8.49
CA PRO B 277 -3.86 -12.23 8.27
C PRO B 277 -3.76 -10.88 8.96
N ASP B 278 -4.87 -10.17 9.12
CA ASP B 278 -4.82 -8.87 9.79
C ASP B 278 -4.47 -8.99 11.27
N GLU B 279 -4.64 -10.16 11.86
CA GLU B 279 -4.29 -10.35 13.27
C GLU B 279 -2.80 -10.63 13.47
N ARG B 280 -2.06 -10.87 12.40
CA ARG B 280 -0.65 -11.19 12.48
C ARG B 280 0.17 -9.91 12.57
N PRO B 281 1.19 -9.86 13.42
CA PRO B 281 1.95 -8.63 13.62
C PRO B 281 2.91 -8.37 12.48
N SER B 282 3.28 -7.10 12.35
CA SER B 282 4.39 -6.73 11.49
C SER B 282 5.68 -7.27 12.08
N PHE B 283 6.70 -7.43 11.23
CA PHE B 283 8.00 -7.87 11.74
C PHE B 283 8.59 -6.84 12.70
N LEU B 284 8.24 -5.56 12.53
CA LEU B 284 8.68 -4.55 13.48
C LEU B 284 8.10 -4.81 14.86
N LYS B 285 6.82 -5.19 14.91
CA LYS B 285 6.23 -5.54 16.21
C LYS B 285 6.98 -6.72 16.83
N CYS B 286 7.36 -7.70 16.01
CA CYS B 286 8.11 -8.84 16.54
C CYS B 286 9.46 -8.41 17.09
N LEU B 287 10.15 -7.51 16.40
CA LEU B 287 11.43 -7.03 16.92
C LEU B 287 11.22 -6.30 18.25
N ILE B 288 10.19 -5.46 18.32
CA ILE B 288 9.85 -4.78 19.57
C ILE B 288 9.58 -5.79 20.66
N GLU B 289 8.86 -6.86 20.34
CA GLU B 289 8.48 -7.88 21.31
C GLU B 289 9.65 -8.74 21.72
N LEU B 290 10.63 -8.93 20.84
CA LEU B 290 11.77 -9.80 21.06
C LEU B 290 12.93 -9.12 21.80
N GLU B 291 13.11 -7.81 21.61
CA GLU B 291 14.30 -7.14 22.13
C GLU B 291 14.57 -7.45 23.60
N PRO B 292 13.61 -7.33 24.52
CA PRO B 292 13.89 -7.70 25.92
C PRO B 292 14.26 -9.17 26.09
N VAL B 293 13.57 -10.06 25.36
CA VAL B 293 13.87 -11.48 25.46
C VAL B 293 15.35 -11.73 25.18
N LEU B 294 15.83 -11.25 24.02
CA LEU B 294 17.25 -11.38 23.71
C LEU B 294 18.11 -10.63 24.71
N ARG B 295 17.57 -9.58 25.31
CA ARG B 295 18.39 -8.82 26.25
C ARG B 295 18.70 -9.64 27.49
N THR B 296 17.88 -10.64 27.79
CA THR B 296 18.16 -11.46 28.97
C THR B 296 19.47 -12.22 28.88
N PHE B 297 19.99 -12.47 27.68
CA PHE B 297 21.21 -13.26 27.48
C PHE B 297 22.41 -12.34 27.32
N GLU B 298 23.55 -12.74 27.89
CA GLU B 298 24.78 -11.99 27.70
C GLU B 298 25.39 -12.33 26.34
N GLU B 299 26.04 -11.35 25.74
CA GLU B 299 26.54 -11.53 24.37
C GLU B 299 27.53 -12.69 24.28
N ILE B 300 28.27 -12.97 25.35
CA ILE B 300 29.29 -14.01 25.29
C ILE B 300 28.67 -15.39 25.25
N THR B 301 27.45 -15.55 25.77
CA THR B 301 26.85 -16.88 25.80
C THR B 301 26.65 -17.42 24.39
N PHE B 302 26.42 -16.53 23.42
CA PHE B 302 26.31 -17.00 22.03
C PHE B 302 27.58 -17.73 21.63
N LEU B 303 28.74 -17.07 21.80
CA LEU B 303 30.01 -17.69 21.47
C LEU B 303 30.19 -18.98 22.25
N GLU B 304 29.80 -18.98 23.53
CA GLU B 304 29.95 -20.19 24.33
C GLU B 304 29.14 -21.33 23.74
N ALA B 305 27.91 -21.04 23.32
CA ALA B 305 27.08 -22.07 22.72
C ALA B 305 27.66 -22.58 21.42
N VAL B 306 28.21 -21.69 20.59
CA VAL B 306 28.79 -22.14 19.34
C VAL B 306 30.00 -23.04 19.61
N ILE B 307 30.78 -22.71 20.64
CA ILE B 307 31.94 -23.54 20.97
C ILE B 307 31.50 -24.88 21.54
N GLN B 308 30.46 -24.88 22.38
CA GLN B 308 29.90 -26.15 22.85
C GLN B 308 29.41 -26.98 21.68
N LEU B 309 28.76 -26.33 20.72
CA LEU B 309 28.25 -27.01 19.54
C LEU B 309 29.37 -27.69 18.78
N LYS B 310 30.39 -26.92 18.42
CA LYS B 310 31.49 -27.45 17.62
C LYS B 310 32.35 -28.45 18.39
N LYS B 311 32.36 -28.37 19.72
CA LYS B 311 33.11 -29.36 20.51
C LYS B 311 32.37 -30.67 20.58
N THR B 312 31.07 -30.62 20.94
CA THR B 312 30.29 -31.85 21.04
C THR B 312 30.00 -32.47 19.67
N LYS B 313 30.07 -31.68 18.60
CA LYS B 313 29.91 -32.24 17.26
C LYS B 313 31.12 -33.08 16.88
N LEU B 314 32.29 -32.73 17.38
CA LEU B 314 33.48 -33.57 17.23
C LEU B 314 33.32 -34.81 18.10
N GLN B 315 34.38 -35.60 18.22
CA GLN B 315 34.36 -36.81 19.05
C GLN B 315 33.44 -37.89 18.45
N ALA C 5 -20.33 9.94 -29.43
CA ALA C 5 -21.38 9.80 -30.43
C ALA C 5 -22.74 10.18 -29.84
N ILE C 6 -22.99 9.77 -28.60
CA ILE C 6 -24.24 10.06 -27.91
C ILE C 6 -24.03 11.31 -27.08
N CYS C 7 -24.70 12.41 -27.45
CA CYS C 7 -24.53 13.70 -26.80
C CYS C 7 -25.85 14.17 -26.20
N SER C 8 -25.77 14.79 -25.03
CA SER C 8 -26.93 15.32 -24.32
C SER C 8 -26.69 16.79 -24.01
N ALA C 9 -27.65 17.63 -24.39
CA ALA C 9 -27.56 19.06 -24.09
C ALA C 9 -28.16 19.32 -22.71
N LEU C 10 -27.48 20.14 -21.93
CA LEU C 10 -27.98 20.46 -20.60
C LEU C 10 -29.21 21.34 -20.71
N PRO C 11 -30.33 20.96 -20.10
CA PRO C 11 -31.56 21.76 -20.25
C PRO C 11 -31.37 23.18 -19.74
N THR C 12 -32.00 24.12 -20.43
CA THR C 12 -32.04 25.52 -20.02
C THR C 12 -33.35 25.80 -19.29
N ILE C 13 -33.24 26.23 -18.04
CA ILE C 13 -34.41 26.43 -17.18
C ILE C 13 -34.79 27.91 -17.25
N PRO C 14 -35.96 28.26 -17.74
CA PRO C 14 -36.39 29.66 -17.70
C PRO C 14 -36.48 30.13 -16.26
N TYR C 15 -35.95 31.32 -16.00
CA TYR C 15 -35.92 31.85 -14.64
C TYR C 15 -37.32 31.86 -14.03
N HIS C 16 -38.34 32.16 -14.83
CA HIS C 16 -39.69 32.27 -14.29
C HIS C 16 -40.22 30.97 -13.71
N LYS C 17 -39.55 29.84 -13.98
CA LYS C 17 -39.99 28.55 -13.46
C LYS C 17 -39.38 28.21 -12.11
N LEU C 18 -38.44 29.00 -11.61
CA LEU C 18 -37.88 28.81 -10.28
C LEU C 18 -38.64 29.70 -9.30
N ALA C 19 -39.40 29.10 -8.41
CA ALA C 19 -40.24 29.82 -7.47
C ALA C 19 -39.72 29.63 -6.04
N ASP C 20 -40.18 30.50 -5.15
CA ASP C 20 -39.84 30.43 -3.73
C ASP C 20 -38.34 30.53 -3.50
N LEU C 21 -37.68 31.42 -4.24
CA LEU C 21 -36.25 31.64 -4.08
C LEU C 21 -35.94 32.18 -2.69
N ARG C 22 -35.12 31.44 -1.93
CA ARG C 22 -34.78 31.80 -0.57
C ARG C 22 -33.27 31.72 -0.39
N TYR C 23 -32.67 32.76 0.19
CA TYR C 23 -31.24 32.73 0.47
C TYR C 23 -30.90 31.52 1.34
N LEU C 24 -29.97 30.71 0.86
CA LEU C 24 -29.45 29.59 1.63
C LEU C 24 -28.06 29.88 2.20
N SER C 25 -27.17 30.43 1.37
CA SER C 25 -25.82 30.73 1.81
C SER C 25 -25.16 31.67 0.80
N ARG C 26 -24.23 32.47 1.30
CA ARG C 26 -23.40 33.35 0.48
C ARG C 26 -21.97 32.86 0.57
N GLY C 27 -21.39 32.51 -0.57
CA GLY C 27 -20.06 31.92 -0.59
C GLY C 27 -19.05 32.64 -1.46
N ALA C 28 -17.88 32.01 -1.63
CA ALA C 28 -16.82 32.63 -2.42
C ALA C 28 -17.12 32.59 -3.91
N SER C 29 -17.72 31.50 -4.39
CA SER C 29 -17.97 31.34 -5.83
C SER C 29 -19.33 31.89 -6.26
N GLY C 30 -20.30 31.93 -5.36
CA GLY C 30 -21.59 32.47 -5.71
C GLY C 30 -22.50 32.49 -4.50
N THR C 31 -23.80 32.63 -4.76
CA THR C 31 -24.83 32.61 -3.74
C THR C 31 -25.76 31.45 -4.05
N VAL C 32 -26.01 30.60 -3.05
CA VAL C 32 -26.86 29.44 -3.21
C VAL C 32 -28.19 29.71 -2.53
N SER C 33 -29.28 29.53 -3.29
CA SER C 33 -30.65 29.72 -2.81
C SER C 33 -31.45 28.47 -3.14
N SER C 34 -32.43 28.16 -2.29
CA SER C 34 -33.36 27.09 -2.61
C SER C 34 -34.52 27.64 -3.43
N ALA C 35 -35.11 26.78 -4.24
CA ALA C 35 -36.22 27.18 -5.09
C ALA C 35 -37.06 25.96 -5.43
N ARG C 36 -38.21 26.21 -6.05
CA ARG C 36 -39.14 25.17 -6.43
C ARG C 36 -39.38 25.22 -7.92
N HIS C 37 -39.19 24.09 -8.60
CA HIS C 37 -39.42 24.05 -10.04
C HIS C 37 -40.91 23.89 -10.31
N ALA C 38 -41.50 24.86 -11.01
CA ALA C 38 -42.95 24.89 -11.19
C ALA C 38 -43.46 23.76 -12.06
N ASP C 39 -42.67 23.32 -13.04
CA ASP C 39 -43.06 22.26 -13.97
C ASP C 39 -42.68 20.88 -13.44
N TRP C 40 -41.47 20.75 -12.89
CA TRP C 40 -40.95 19.47 -12.44
C TRP C 40 -41.45 19.06 -11.06
N ARG C 41 -41.90 20.01 -10.26
CA ARG C 41 -42.48 19.72 -8.93
C ARG C 41 -41.44 19.19 -7.96
N VAL C 42 -40.19 19.62 -8.09
CA VAL C 42 -39.12 19.22 -7.21
C VAL C 42 -38.43 20.46 -6.66
N GLN C 43 -37.78 20.30 -5.51
CA GLN C 43 -36.97 21.35 -4.92
C GLN C 43 -35.56 21.31 -5.51
N VAL C 44 -34.99 22.49 -5.77
CA VAL C 44 -33.65 22.59 -6.33
C VAL C 44 -32.87 23.68 -5.61
N ALA C 45 -31.56 23.65 -5.80
CA ALA C 45 -30.66 24.71 -5.35
C ALA C 45 -30.11 25.44 -6.57
N VAL C 46 -29.97 26.75 -6.45
CA VAL C 46 -29.51 27.61 -7.53
C VAL C 46 -28.31 28.38 -7.03
N LYS C 47 -27.18 28.26 -7.73
CA LYS C 47 -25.99 29.03 -7.44
C LYS C 47 -25.93 30.14 -8.48
N HIS C 48 -26.08 31.38 -8.04
CA HIS C 48 -26.15 32.54 -8.91
C HIS C 48 -25.20 33.63 -8.44
N LEU C 49 -24.80 34.47 -9.37
CA LEU C 49 -23.97 35.62 -9.07
C LEU C 49 -24.83 36.76 -8.53
N HIS C 50 -24.15 37.80 -8.06
CA HIS C 50 -24.85 38.94 -7.46
C HIS C 50 -25.88 39.52 -8.43
N ILE C 51 -27.01 39.96 -7.87
CA ILE C 51 -28.10 40.49 -8.68
C ILE C 51 -28.03 42.00 -8.90
N HIS C 52 -27.12 42.69 -8.22
CA HIS C 52 -27.13 44.16 -8.31
C HIS C 52 -26.32 44.67 -9.50
N THR C 53 -25.05 44.28 -9.60
CA THR C 53 -24.29 44.87 -10.69
C THR C 53 -24.31 43.99 -11.93
N PRO C 54 -24.26 44.59 -13.12
CA PRO C 54 -24.20 43.78 -14.34
C PRO C 54 -22.98 42.87 -14.35
N LEU C 55 -23.10 41.78 -15.10
CA LEU C 55 -22.12 40.70 -15.11
C LEU C 55 -21.25 40.80 -16.36
N LEU C 56 -19.94 40.78 -16.17
CA LEU C 56 -19.01 40.78 -17.30
C LEU C 56 -19.00 39.40 -17.96
N ASP C 57 -18.93 39.40 -19.30
CA ASP C 57 -19.02 38.16 -20.05
C ASP C 57 -17.98 37.13 -19.61
N SER C 58 -16.87 37.56 -18.99
CA SER C 58 -15.92 36.60 -18.45
C SER C 58 -16.54 35.80 -17.30
N GLU C 59 -17.29 36.47 -16.43
CA GLU C 59 -17.97 35.77 -15.35
C GLU C 59 -19.06 34.84 -15.89
N ARG C 60 -19.77 35.30 -16.94
CA ARG C 60 -20.75 34.44 -17.61
C ARG C 60 -20.08 33.18 -18.18
N LYS C 61 -18.92 33.34 -18.80
CA LYS C 61 -18.19 32.18 -19.32
C LYS C 61 -17.74 31.26 -18.20
N ASP C 62 -17.28 31.83 -17.07
CA ASP C 62 -16.92 31.00 -15.93
C ASP C 62 -18.11 30.18 -15.44
N VAL C 63 -19.28 30.81 -15.32
CA VAL C 63 -20.47 30.10 -14.86
C VAL C 63 -20.83 29.00 -15.85
N LEU C 64 -20.80 29.31 -17.14
CA LEU C 64 -21.08 28.29 -18.15
C LEU C 64 -20.10 27.14 -18.04
N ARG C 65 -18.83 27.44 -17.75
CA ARG C 65 -17.82 26.40 -17.62
C ARG C 65 -18.12 25.50 -16.44
N GLU C 66 -18.48 26.07 -15.29
CA GLU C 66 -18.82 25.25 -14.14
C GLU C 66 -20.04 24.38 -14.43
N ALA C 67 -21.05 24.95 -15.09
CA ALA C 67 -22.24 24.18 -15.43
C ALA C 67 -21.88 23.00 -16.32
N GLU C 68 -21.09 23.27 -17.38
CA GLU C 68 -20.70 22.19 -18.29
C GLU C 68 -19.87 21.13 -17.57
N ILE C 69 -19.02 21.55 -16.62
CA ILE C 69 -18.22 20.59 -15.87
C ILE C 69 -19.12 19.68 -15.04
N LEU C 70 -20.05 20.29 -14.29
CA LEU C 70 -21.01 19.49 -13.53
C LEU C 70 -21.79 18.54 -14.43
N HIS C 71 -22.13 19.00 -15.64
CA HIS C 71 -22.89 18.17 -16.58
C HIS C 71 -22.06 17.00 -17.09
N LYS C 72 -20.78 17.23 -17.39
CA LYS C 72 -19.91 16.16 -17.88
C LYS C 72 -19.42 15.27 -16.74
N ALA C 73 -19.33 15.81 -15.52
CA ALA C 73 -18.83 15.07 -14.38
C ALA C 73 -19.93 14.36 -13.62
N ARG C 74 -21.10 14.15 -14.23
CA ARG C 74 -22.18 13.44 -13.56
C ARG C 74 -21.68 12.10 -13.05
N PHE C 75 -22.06 11.77 -11.82
CA PHE C 75 -21.69 10.51 -11.21
C PHE C 75 -22.48 10.35 -9.92
N SER C 76 -22.52 9.11 -9.42
CA SER C 76 -23.37 8.79 -8.28
C SER C 76 -23.07 9.66 -7.07
N TYR C 77 -21.83 10.12 -6.92
CA TYR C 77 -21.41 10.89 -5.75
C TYR C 77 -21.01 12.32 -6.10
N ILE C 78 -21.46 12.83 -7.25
CA ILE C 78 -21.23 14.22 -7.64
C ILE C 78 -22.58 14.94 -7.67
N LEU C 79 -22.57 16.22 -7.27
CA LEU C 79 -23.79 17.02 -7.26
C LEU C 79 -24.47 16.99 -8.62
N PRO C 80 -25.72 16.51 -8.71
CA PRO C 80 -26.42 16.43 -10.00
C PRO C 80 -26.90 17.80 -10.47
N ILE C 81 -26.48 18.20 -11.66
CA ILE C 81 -26.92 19.45 -12.27
C ILE C 81 -28.19 19.19 -13.06
N LEU C 82 -29.23 20.00 -12.81
CA LEU C 82 -30.50 19.84 -13.49
C LEU C 82 -30.66 20.75 -14.70
N GLY C 83 -29.97 21.87 -14.72
CA GLY C 83 -30.04 22.79 -15.84
C GLY C 83 -29.28 24.06 -15.52
N ILE C 84 -29.23 24.94 -16.51
CA ILE C 84 -28.58 26.24 -16.37
C ILE C 84 -29.59 27.33 -16.72
N CYS C 85 -29.57 28.41 -15.95
CA CYS C 85 -30.35 29.61 -16.25
C CYS C 85 -29.44 30.59 -16.97
N ASN C 86 -29.67 30.79 -18.26
CA ASN C 86 -28.86 31.70 -19.07
C ASN C 86 -29.84 32.64 -19.76
N GLU C 87 -30.20 33.72 -19.07
CA GLU C 87 -31.16 34.71 -19.50
C GLU C 87 -30.52 36.08 -19.46
N PRO C 88 -31.13 37.08 -20.10
CA PRO C 88 -30.58 38.43 -20.01
C PRO C 88 -30.46 38.92 -18.58
N GLU C 89 -31.42 38.56 -17.72
CA GLU C 89 -31.54 39.14 -16.39
C GLU C 89 -31.18 38.15 -15.28
N PHE C 90 -30.62 36.99 -15.61
CA PHE C 90 -30.21 36.06 -14.57
C PHE C 90 -29.30 35.02 -15.16
N LEU C 91 -28.27 34.64 -14.39
CA LEU C 91 -27.36 33.56 -14.78
C LEU C 91 -27.08 32.72 -13.54
N GLY C 92 -27.49 31.46 -13.58
CA GLY C 92 -27.35 30.59 -12.43
C GLY C 92 -27.26 29.13 -12.82
N ILE C 93 -26.50 28.38 -12.03
CA ILE C 93 -26.43 26.93 -12.18
C ILE C 93 -27.48 26.31 -11.28
N VAL C 94 -28.32 25.45 -11.84
CA VAL C 94 -29.40 24.80 -11.09
C VAL C 94 -29.01 23.35 -10.85
N THR C 95 -29.06 22.91 -9.60
CA THR C 95 -28.74 21.54 -9.23
C THR C 95 -29.78 21.01 -8.26
N GLU C 96 -29.69 19.71 -7.97
CA GLU C 96 -30.55 19.11 -6.97
C GLU C 96 -30.30 19.74 -5.60
N TYR C 97 -31.37 19.86 -4.82
CA TYR C 97 -31.30 20.41 -3.47
C TYR C 97 -30.94 19.34 -2.46
N MET C 98 -29.91 19.62 -1.65
CA MET C 98 -29.46 18.70 -0.60
C MET C 98 -29.95 19.24 0.74
N PRO C 99 -31.02 18.69 1.30
CA PRO C 99 -31.62 19.33 2.49
C PRO C 99 -30.71 19.36 3.70
N ASN C 100 -29.69 18.49 3.76
CA ASN C 100 -28.89 18.32 4.95
C ASN C 100 -27.56 19.06 4.87
N GLY C 101 -27.47 20.09 4.04
CA GLY C 101 -26.29 20.93 4.05
C GLY C 101 -25.02 20.20 3.68
N SER C 102 -23.92 20.59 4.33
CA SER C 102 -22.58 20.13 3.99
C SER C 102 -22.00 19.29 5.13
N LEU C 103 -20.90 18.61 4.79
CA LEU C 103 -20.19 17.78 5.77
C LEU C 103 -19.70 18.61 6.96
N ASN C 104 -19.36 19.88 6.73
CA ASN C 104 -18.89 20.72 7.82
C ASN C 104 -19.91 20.80 8.95
N GLU C 105 -21.17 21.07 8.61
CA GLU C 105 -22.22 21.13 9.63
C GLU C 105 -22.35 19.80 10.36
N LEU C 106 -22.39 18.70 9.60
CA LEU C 106 -22.51 17.38 10.23
C LEU C 106 -21.39 17.13 11.23
N LEU C 107 -20.16 17.54 10.88
CA LEU C 107 -19.02 17.24 11.74
C LEU C 107 -18.92 18.17 12.94
N HIS C 108 -19.26 19.46 12.78
CA HIS C 108 -18.94 20.46 13.79
C HIS C 108 -20.16 21.05 14.49
N ARG C 109 -21.37 20.88 13.95
CA ARG C 109 -22.58 21.30 14.65
C ARG C 109 -22.95 20.16 15.61
N LYS C 110 -22.26 20.15 16.75
CA LYS C 110 -22.38 19.03 17.69
C LYS C 110 -23.66 19.06 18.51
N THR C 111 -24.39 20.17 18.51
CA THR C 111 -25.70 20.19 19.18
C THR C 111 -26.75 19.47 18.35
N GLU C 112 -26.82 19.77 17.05
CA GLU C 112 -27.74 19.08 16.15
C GLU C 112 -27.41 17.59 16.07
N TYR C 113 -26.13 17.26 15.90
CA TYR C 113 -25.68 15.88 15.70
C TYR C 113 -24.68 15.53 16.80
N PRO C 114 -25.18 15.25 18.01
CA PRO C 114 -24.25 14.90 19.11
C PRO C 114 -23.41 13.68 18.81
N ASP C 115 -24.00 12.66 18.19
CA ASP C 115 -23.30 11.43 17.86
C ASP C 115 -23.43 11.13 16.38
N VAL C 116 -22.32 10.72 15.76
CA VAL C 116 -22.28 10.29 14.37
C VAL C 116 -21.62 8.92 14.36
N ALA C 117 -22.42 7.87 14.16
CA ALA C 117 -21.91 6.50 14.24
C ALA C 117 -20.79 6.28 13.23
N TRP C 118 -19.78 5.52 13.66
CA TRP C 118 -18.64 5.26 12.78
C TRP C 118 -19.04 4.74 11.40
N PRO C 119 -20.02 3.85 11.26
CA PRO C 119 -20.39 3.41 9.90
C PRO C 119 -20.72 4.56 8.97
N LEU C 120 -21.46 5.56 9.47
CA LEU C 120 -21.81 6.70 8.62
C LEU C 120 -20.57 7.50 8.22
N ARG C 121 -19.67 7.75 9.18
CA ARG C 121 -18.45 8.48 8.87
C ARG C 121 -17.64 7.76 7.81
N PHE C 122 -17.48 6.44 7.96
CA PHE C 122 -16.67 5.68 7.03
C PHE C 122 -17.34 5.58 5.67
N ARG C 123 -18.67 5.50 5.62
CA ARG C 123 -19.36 5.54 4.34
C ARG C 123 -19.14 6.88 3.66
N ILE C 124 -19.20 7.97 4.43
CA ILE C 124 -18.97 9.30 3.86
C ILE C 124 -17.57 9.37 3.25
N LEU C 125 -16.58 8.89 3.99
CA LEU C 125 -15.21 8.89 3.48
C LEU C 125 -15.08 8.03 2.22
N HIS C 126 -15.67 6.83 2.25
CA HIS C 126 -15.64 5.94 1.10
C HIS C 126 -16.26 6.60 -0.12
N GLU C 127 -17.40 7.27 0.07
CA GLU C 127 -18.10 7.87 -1.06
C GLU C 127 -17.36 9.10 -1.59
N ILE C 128 -16.75 9.88 -0.70
CA ILE C 128 -15.91 11.00 -1.15
C ILE C 128 -14.77 10.47 -2.01
N ALA C 129 -14.10 9.41 -1.51
CA ALA C 129 -13.01 8.82 -2.28
C ALA C 129 -13.49 8.31 -3.63
N LEU C 130 -14.66 7.67 -3.66
CA LEU C 130 -15.21 7.15 -4.90
C LEU C 130 -15.44 8.27 -5.90
N GLY C 131 -16.06 9.36 -5.45
CA GLY C 131 -16.33 10.50 -6.32
C GLY C 131 -15.07 11.16 -6.83
N VAL C 132 -14.11 11.42 -5.94
CA VAL C 132 -12.89 12.11 -6.37
C VAL C 132 -12.09 11.22 -7.32
N ASN C 133 -12.08 9.90 -7.06
CA ASN C 133 -11.43 8.97 -7.97
C ASN C 133 -12.12 8.99 -9.34
N TYR C 134 -13.45 9.01 -9.36
CA TYR C 134 -14.17 9.14 -10.62
C TYR C 134 -13.74 10.41 -11.36
N LEU C 135 -13.68 11.53 -10.65
CA LEU C 135 -13.22 12.77 -11.27
C LEU C 135 -11.83 12.59 -11.89
N HIS C 136 -10.91 11.98 -11.14
CA HIS C 136 -9.56 11.79 -11.64
C HIS C 136 -9.49 10.80 -12.80
N ASN C 137 -10.49 9.92 -12.96
CA ASN C 137 -10.48 8.93 -14.03
C ASN C 137 -11.09 9.44 -15.33
N MET C 138 -11.58 10.68 -15.36
CA MET C 138 -12.15 11.23 -16.58
C MET C 138 -11.04 11.46 -17.60
N THR C 139 -11.44 11.72 -18.84
CA THR C 139 -10.52 12.06 -19.92
C THR C 139 -11.03 13.35 -20.55
N PRO C 140 -10.33 14.48 -20.38
CA PRO C 140 -9.10 14.49 -19.56
C PRO C 140 -9.39 14.45 -18.06
N PRO C 141 -8.40 14.03 -17.27
CA PRO C 141 -8.60 14.00 -15.81
C PRO C 141 -8.98 15.37 -15.28
N LEU C 142 -9.97 15.38 -14.39
CA LEU C 142 -10.40 16.62 -13.73
C LEU C 142 -9.86 16.62 -12.30
N LEU C 143 -9.08 17.65 -11.97
CA LEU C 143 -8.56 17.83 -10.63
C LEU C 143 -9.39 18.89 -9.92
N HIS C 144 -9.97 18.52 -8.77
CA HIS C 144 -10.87 19.42 -8.07
C HIS C 144 -10.14 20.64 -7.53
N HIS C 145 -9.07 20.40 -6.77
CA HIS C 145 -8.15 21.44 -6.31
C HIS C 145 -8.81 22.38 -5.30
N ASP C 146 -9.99 22.05 -4.79
CA ASP C 146 -10.62 22.86 -3.76
C ASP C 146 -11.50 21.99 -2.88
N LEU C 147 -11.04 20.79 -2.54
CA LEU C 147 -11.81 19.93 -1.65
C LEU C 147 -11.87 20.52 -0.24
N LYS C 148 -13.06 20.52 0.34
CA LYS C 148 -13.25 20.96 1.71
C LYS C 148 -14.59 20.45 2.21
N THR C 149 -14.77 20.46 3.52
CA THR C 149 -16.00 19.95 4.12
C THR C 149 -17.23 20.73 3.71
N GLN C 150 -17.06 21.90 3.09
CA GLN C 150 -18.18 22.66 2.56
C GLN C 150 -18.59 22.23 1.16
N ASN C 151 -17.70 21.59 0.40
CA ASN C 151 -18.04 21.13 -0.94
C ASN C 151 -18.77 19.80 -0.95
N ILE C 152 -18.65 19.01 0.11
CA ILE C 152 -19.26 17.68 0.17
C ILE C 152 -20.62 17.82 0.84
N LEU C 153 -21.68 17.80 0.04
CA LEU C 153 -23.04 17.92 0.53
C LEU C 153 -23.61 16.54 0.84
N LEU C 154 -24.60 16.51 1.74
CA LEU C 154 -25.21 15.27 2.19
C LEU C 154 -26.69 15.31 1.86
N ASP C 155 -27.14 14.32 1.09
CA ASP C 155 -28.51 14.28 0.58
C ASP C 155 -29.46 13.80 1.68
N ASN C 156 -30.69 13.47 1.28
CA ASN C 156 -31.72 13.17 2.27
C ASN C 156 -31.34 11.98 3.15
N GLU C 157 -30.54 11.05 2.62
CA GLU C 157 -30.05 9.91 3.39
C GLU C 157 -28.55 10.01 3.69
N PHE C 158 -27.99 11.21 3.62
CA PHE C 158 -26.61 11.47 4.03
C PHE C 158 -25.62 10.66 3.20
N HIS C 159 -25.79 10.73 1.88
CA HIS C 159 -24.81 10.23 0.92
C HIS C 159 -24.04 11.40 0.32
N VAL C 160 -22.76 11.16 0.04
CA VAL C 160 -21.87 12.24 -0.36
C VAL C 160 -22.17 12.68 -1.78
N LYS C 161 -22.17 13.99 -2.00
CA LYS C 161 -22.22 14.60 -3.33
C LYS C 161 -21.20 15.72 -3.36
N ILE C 162 -20.19 15.59 -4.22
CA ILE C 162 -19.16 16.61 -4.34
C ILE C 162 -19.69 17.77 -5.15
N ALA C 163 -19.39 18.99 -4.72
CA ALA C 163 -19.89 20.20 -5.38
C ALA C 163 -18.76 21.21 -5.52
N ASP C 164 -19.10 22.37 -6.08
CA ASP C 164 -18.17 23.48 -6.24
C ASP C 164 -17.05 23.15 -7.22
N PHE C 165 -17.37 23.19 -8.51
CA PHE C 165 -16.38 23.02 -9.57
C PHE C 165 -16.07 24.37 -10.22
N GLY C 166 -15.73 24.35 -11.50
CA GLY C 166 -15.40 25.61 -12.15
C GLY C 166 -14.31 26.39 -11.41
N LEU C 167 -14.46 27.71 -11.41
CA LEU C 167 -13.48 28.60 -10.80
C LEU C 167 -14.11 29.30 -9.59
N SER C 168 -13.57 30.47 -9.24
CA SER C 168 -13.99 31.22 -8.07
C SER C 168 -13.81 32.70 -8.34
N LYS C 169 -14.52 33.53 -7.58
CA LYS C 169 -14.54 34.97 -7.87
C LYS C 169 -15.11 35.78 -6.70
N TRP C 170 -14.40 36.84 -6.29
CA TRP C 170 -14.91 37.75 -5.27
C TRP C 170 -14.90 39.17 -5.85
N ARG C 171 -16.05 39.62 -6.34
CA ARG C 171 -16.21 40.94 -6.94
C ARG C 171 -15.62 41.00 -8.35
N GLY C 188 -9.08 28.27 8.47
CA GLY C 188 -10.33 27.54 8.36
C GLY C 188 -10.66 27.14 6.93
N THR C 189 -10.38 28.04 5.99
CA THR C 189 -10.62 27.78 4.57
C THR C 189 -9.41 27.19 3.87
N ILE C 190 -8.20 27.53 4.32
CA ILE C 190 -6.97 27.00 3.74
C ILE C 190 -6.48 25.76 4.46
N ILE C 191 -7.16 25.34 5.53
CA ILE C 191 -6.75 24.16 6.28
C ILE C 191 -6.75 22.91 5.41
N TYR C 192 -7.42 22.94 4.26
CA TYR C 192 -7.46 21.81 3.34
C TYR C 192 -6.52 21.99 2.15
N MET C 193 -5.67 23.04 2.16
CA MET C 193 -4.80 23.29 1.02
C MET C 193 -3.40 22.77 1.28
N PRO C 194 -2.79 22.05 0.34
CA PRO C 194 -1.44 21.56 0.57
C PRO C 194 -0.44 22.70 0.51
N PRO C 195 0.71 22.57 1.19
CA PRO C 195 1.66 23.68 1.23
C PRO C 195 2.36 23.94 -0.09
N GLU C 196 2.08 23.15 -1.13
CA GLU C 196 2.76 23.29 -2.41
C GLU C 196 1.96 24.12 -3.40
N ASN C 197 0.70 24.41 -3.12
CA ASN C 197 -0.11 25.31 -3.93
C ASN C 197 -0.36 26.64 -3.21
N TYR C 198 0.52 27.02 -2.29
CA TYR C 198 0.44 28.33 -1.66
C TYR C 198 0.85 29.45 -2.61
N GLU C 199 1.51 29.12 -3.72
CA GLU C 199 1.93 30.09 -4.71
C GLU C 199 1.93 29.45 -6.10
N PRO C 200 1.19 30.03 -7.07
CA PRO C 200 1.01 29.49 -8.41
C PRO C 200 2.28 28.86 -8.99
N SER C 207 -0.70 18.99 -10.94
CA SER C 207 -0.31 17.66 -10.46
C SER C 207 -1.51 16.92 -9.89
N ILE C 208 -1.45 15.58 -9.93
CA ILE C 208 -2.57 14.74 -9.51
C ILE C 208 -2.57 14.46 -8.01
N LYS C 209 -1.64 15.04 -7.26
CA LYS C 209 -1.53 14.79 -5.83
C LYS C 209 -2.09 15.93 -4.99
N HIS C 210 -2.97 16.75 -5.56
CA HIS C 210 -3.56 17.87 -4.82
C HIS C 210 -4.73 17.40 -3.97
N ASP C 211 -5.73 16.79 -4.62
CA ASP C 211 -6.96 16.42 -3.92
C ASP C 211 -6.69 15.51 -2.73
N ILE C 212 -5.69 14.63 -2.84
CA ILE C 212 -5.44 13.64 -1.79
C ILE C 212 -5.04 14.32 -0.47
N TYR C 213 -4.30 15.43 -0.54
CA TYR C 213 -3.97 16.19 0.67
C TYR C 213 -5.24 16.69 1.34
N SER C 214 -6.11 17.35 0.58
CA SER C 214 -7.38 17.81 1.11
C SER C 214 -8.17 16.66 1.71
N TYR C 215 -8.16 15.51 1.04
CA TYR C 215 -8.89 14.33 1.50
C TYR C 215 -8.32 13.82 2.82
N ALA C 216 -7.00 13.84 2.96
CA ALA C 216 -6.37 13.45 4.22
C ALA C 216 -6.82 14.37 5.35
N VAL C 217 -6.81 15.67 5.11
CA VAL C 217 -7.25 16.61 6.13
C VAL C 217 -8.72 16.37 6.47
N ILE C 218 -9.56 16.17 5.45
CA ILE C 218 -10.99 15.92 5.69
C ILE C 218 -11.18 14.63 6.47
N THR C 219 -10.37 13.61 6.19
CA THR C 219 -10.45 12.36 6.94
C THR C 219 -10.12 12.59 8.41
N TRP C 220 -9.01 13.30 8.66
CA TRP C 220 -8.67 13.64 10.04
C TRP C 220 -9.82 14.39 10.72
N GLU C 221 -10.45 15.30 10.00
CA GLU C 221 -11.57 16.06 10.57
C GLU C 221 -12.74 15.13 10.88
N VAL C 222 -13.09 14.26 9.93
CA VAL C 222 -14.24 13.38 10.11
C VAL C 222 -14.02 12.45 11.30
N LEU C 223 -12.81 11.91 11.42
CA LEU C 223 -12.53 10.99 12.52
C LEU C 223 -12.39 11.71 13.85
N SER C 224 -11.98 12.97 13.82
CA SER C 224 -11.78 13.74 15.04
C SER C 224 -12.97 14.61 15.40
N ARG C 225 -13.74 15.06 14.42
CA ARG C 225 -14.84 16.00 14.64
C ARG C 225 -14.32 17.28 15.28
N LYS C 226 -13.07 17.63 15.02
CA LYS C 226 -12.46 18.85 15.51
C LYS C 226 -11.97 19.68 14.33
N GLN C 227 -11.79 20.97 14.57
CA GLN C 227 -11.29 21.86 13.51
C GLN C 227 -9.77 21.73 13.44
N PRO C 228 -9.20 21.39 12.29
CA PRO C 228 -7.74 21.30 12.19
C PRO C 228 -7.10 22.65 12.49
N PHE C 229 -6.04 22.61 13.33
CA PHE C 229 -5.38 23.82 13.80
C PHE C 229 -6.33 24.66 14.65
N GLU C 230 -6.97 23.99 15.61
CA GLU C 230 -8.00 24.67 16.40
C GLU C 230 -7.42 25.84 17.18
N ASP C 231 -6.26 25.64 17.81
CA ASP C 231 -5.69 26.66 18.69
C ASP C 231 -4.99 27.77 17.94
N VAL C 232 -4.75 27.63 16.65
CA VAL C 232 -4.13 28.70 15.86
C VAL C 232 -5.24 29.60 15.37
N THR C 233 -5.20 30.87 15.78
CA THR C 233 -6.24 31.83 15.44
C THR C 233 -5.90 32.66 14.21
N ASN C 234 -4.64 32.67 13.79
CA ASN C 234 -4.21 33.45 12.65
C ASN C 234 -3.88 32.52 11.48
N PRO C 235 -4.57 32.64 10.35
CA PRO C 235 -4.29 31.74 9.22
C PRO C 235 -2.88 31.84 8.66
N LEU C 236 -2.22 33.00 8.74
CA LEU C 236 -0.86 33.10 8.22
C LEU C 236 0.10 32.21 9.00
N GLN C 237 -0.07 32.12 10.32
CA GLN C 237 0.72 31.18 11.11
C GLN C 237 0.38 29.74 10.75
N ILE C 238 -0.90 29.46 10.46
CA ILE C 238 -1.28 28.12 10.02
C ILE C 238 -0.53 27.75 8.75
N MET C 239 -0.52 28.65 7.78
CA MET C 239 0.22 28.39 6.54
C MET C 239 1.70 28.21 6.80
N TYR C 240 2.28 29.05 7.65
CA TYR C 240 3.70 28.92 7.96
C TYR C 240 3.99 27.55 8.57
N SER C 241 3.21 27.14 9.58
CA SER C 241 3.44 25.87 10.22
C SER C 241 3.32 24.72 9.23
N VAL C 242 2.25 24.69 8.43
CA VAL C 242 2.08 23.58 7.50
C VAL C 242 3.20 23.57 6.48
N SER C 243 3.59 24.74 5.98
CA SER C 243 4.72 24.83 5.07
C SER C 243 6.00 24.34 5.73
N GLN C 244 6.06 24.40 7.06
CA GLN C 244 7.19 23.88 7.81
C GLN C 244 7.06 22.40 8.12
N GLY C 245 6.03 21.73 7.58
CA GLY C 245 5.83 20.32 7.80
C GLY C 245 4.90 19.95 8.94
N HIS C 246 4.33 20.93 9.63
CA HIS C 246 3.44 20.64 10.75
C HIS C 246 2.04 20.29 10.22
N ARG C 247 1.35 19.42 10.98
CA ARG C 247 0.03 18.96 10.59
C ARG C 247 -0.90 18.96 11.79
N PRO C 248 -2.20 18.71 11.60
CA PRO C 248 -3.08 18.52 12.74
C PRO C 248 -2.52 17.47 13.70
N VAL C 249 -2.75 17.69 14.99
CA VAL C 249 -2.15 16.82 16.00
C VAL C 249 -2.83 15.45 15.95
N ILE C 250 -2.02 14.40 15.97
CA ILE C 250 -2.51 13.02 15.96
C ILE C 250 -2.08 12.38 17.27
N ASN C 251 -3.00 12.25 18.22
CA ASN C 251 -2.71 11.60 19.49
C ASN C 251 -4.00 10.99 20.02
N GLU C 252 -3.95 10.45 21.25
CA GLU C 252 -5.15 9.87 21.85
C GLU C 252 -6.25 10.90 22.02
N GLU C 253 -5.90 12.16 22.22
CA GLU C 253 -6.91 13.18 22.48
C GLU C 253 -7.68 13.55 21.21
N SER C 254 -6.99 13.71 20.09
CA SER C 254 -7.64 14.09 18.84
C SER C 254 -8.35 12.91 18.18
N LEU C 255 -7.76 11.71 18.25
CA LEU C 255 -8.31 10.50 17.65
C LEU C 255 -8.36 9.42 18.72
N PRO C 256 -9.49 9.27 19.40
CA PRO C 256 -9.57 8.27 20.48
C PRO C 256 -9.25 6.87 19.98
N TYR C 257 -8.75 6.04 20.89
CA TYR C 257 -8.34 4.69 20.54
C TYR C 257 -9.50 3.80 20.15
N ASP C 258 -10.74 4.19 20.48
CA ASP C 258 -11.91 3.41 20.11
C ASP C 258 -12.31 3.63 18.65
N ILE C 259 -11.46 4.30 17.87
CA ILE C 259 -11.74 4.49 16.44
C ILE C 259 -11.50 3.17 15.71
N PRO C 260 -12.46 2.66 14.95
CA PRO C 260 -12.21 1.46 14.14
C PRO C 260 -11.05 1.68 13.19
N HIS C 261 -10.16 0.69 13.13
CA HIS C 261 -8.99 0.73 12.25
C HIS C 261 -8.15 1.99 12.47
N ARG C 262 -7.99 2.37 13.74
CA ARG C 262 -7.27 3.59 14.06
C ARG C 262 -5.88 3.61 13.43
N ALA C 263 -5.15 2.50 13.54
CA ALA C 263 -3.79 2.49 13.00
C ALA C 263 -3.79 2.64 11.49
N ARG C 264 -4.62 1.86 10.81
CA ARG C 264 -4.69 1.92 9.35
C ARG C 264 -5.16 3.29 8.88
N MET C 265 -6.17 3.85 9.56
CA MET C 265 -6.67 5.17 9.19
C MET C 265 -5.62 6.25 9.42
N ILE C 266 -4.88 6.17 10.51
CA ILE C 266 -3.84 7.16 10.78
C ILE C 266 -2.75 7.09 9.74
N SER C 267 -2.36 5.86 9.35
CA SER C 267 -1.37 5.71 8.28
C SER C 267 -1.90 6.30 6.97
N LEU C 268 -3.18 6.05 6.65
CA LEU C 268 -3.79 6.65 5.47
C LEU C 268 -3.70 8.17 5.50
N ILE C 269 -4.08 8.76 6.64
CA ILE C 269 -4.03 10.22 6.77
C ILE C 269 -2.61 10.73 6.56
N GLU C 270 -1.67 10.19 7.34
CA GLU C 270 -0.29 10.68 7.33
C GLU C 270 0.37 10.50 5.98
N SER C 271 -0.01 9.46 5.24
CA SER C 271 0.50 9.32 3.87
C SER C 271 -0.19 10.31 2.93
N GLY C 272 -1.45 10.66 3.23
CA GLY C 272 -2.18 11.56 2.35
C GLY C 272 -1.67 12.99 2.37
N TRP C 273 -1.31 13.50 3.56
CA TRP C 273 -0.88 14.89 3.69
C TRP C 273 0.63 15.01 3.82
N ALA C 274 1.38 14.06 3.26
CA ALA C 274 2.83 14.13 3.26
C ALA C 274 3.31 15.42 2.60
N GLN C 275 4.35 16.02 3.18
CA GLN C 275 4.93 17.23 2.61
C GLN C 275 5.30 17.02 1.15
N ASN C 276 5.85 15.86 0.83
CA ASN C 276 6.21 15.55 -0.55
C ASN C 276 4.99 15.04 -1.31
N PRO C 277 4.60 15.69 -2.41
CA PRO C 277 3.43 15.20 -3.16
C PRO C 277 3.59 13.78 -3.67
N ASP C 278 4.80 13.37 -4.02
CA ASP C 278 5.04 12.03 -4.57
C ASP C 278 4.75 10.92 -3.58
N GLU C 279 4.76 11.21 -2.28
CA GLU C 279 4.49 10.18 -1.28
C GLU C 279 2.99 9.94 -1.09
N ARG C 280 2.14 10.78 -1.66
CA ARG C 280 0.70 10.63 -1.48
C ARG C 280 0.16 9.59 -2.45
N PRO C 281 -0.69 8.68 -2.00
CA PRO C 281 -1.17 7.61 -2.88
C PRO C 281 -2.25 8.08 -3.83
N SER C 282 -2.42 7.34 -4.92
CA SER C 282 -3.55 7.60 -5.80
C SER C 282 -4.85 7.28 -5.06
N PHE C 283 -5.93 7.90 -5.53
CA PHE C 283 -7.24 7.65 -4.90
C PHE C 283 -7.67 6.20 -5.06
N LEU C 284 -7.20 5.53 -6.12
CA LEU C 284 -7.51 4.12 -6.29
C LEU C 284 -6.90 3.28 -5.16
N LYS C 285 -5.67 3.60 -4.76
CA LYS C 285 -5.08 2.91 -3.62
C LYS C 285 -5.88 3.17 -2.34
N CYS C 286 -6.36 4.41 -2.17
CA CYS C 286 -7.14 4.72 -0.97
C CYS C 286 -8.43 3.91 -0.94
N LEU C 287 -9.09 3.78 -2.10
CA LEU C 287 -10.28 2.94 -2.19
C LEU C 287 -9.96 1.48 -1.94
N ILE C 288 -8.84 1.00 -2.48
CA ILE C 288 -8.42 -0.38 -2.22
C ILE C 288 -8.31 -0.61 -0.73
N GLU C 289 -7.73 0.35 -0.01
CA GLU C 289 -7.53 0.20 1.43
C GLU C 289 -8.84 0.32 2.20
N LEU C 290 -9.78 1.11 1.69
CA LEU C 290 -11.02 1.37 2.41
C LEU C 290 -12.09 0.31 2.16
N GLU C 291 -12.05 -0.35 1.00
CA GLU C 291 -13.08 -1.32 0.64
C GLU C 291 -13.29 -2.39 1.70
N PRO C 292 -12.26 -3.08 2.19
CA PRO C 292 -12.48 -4.04 3.30
C PRO C 292 -12.99 -3.38 4.56
N VAL C 293 -12.51 -2.18 4.88
CA VAL C 293 -12.97 -1.46 6.07
C VAL C 293 -14.49 -1.30 6.02
N LEU C 294 -14.99 -0.71 4.95
CA LEU C 294 -16.44 -0.59 4.77
C LEU C 294 -17.11 -1.96 4.68
N ARG C 295 -16.38 -2.97 4.19
CA ARG C 295 -16.93 -4.31 4.06
C ARG C 295 -17.20 -4.93 5.43
N THR C 296 -16.45 -4.49 6.44
CA THR C 296 -16.67 -4.98 7.81
C THR C 296 -18.04 -4.58 8.34
N PHE C 297 -18.69 -3.59 7.74
CA PHE C 297 -19.97 -3.08 8.20
C PHE C 297 -21.13 -3.79 7.50
N GLU C 298 -22.18 -4.06 8.27
CA GLU C 298 -23.40 -4.62 7.73
C GLU C 298 -24.26 -3.51 7.13
N GLU C 299 -25.02 -3.86 6.09
CA GLU C 299 -25.80 -2.85 5.38
C GLU C 299 -26.79 -2.13 6.30
N ILE C 300 -27.32 -2.82 7.30
CA ILE C 300 -28.34 -2.22 8.15
C ILE C 300 -27.76 -1.17 9.09
N THR C 301 -26.46 -1.27 9.42
CA THR C 301 -25.86 -0.31 10.34
C THR C 301 -25.87 1.11 9.75
N PHE C 302 -25.68 1.22 8.44
CA PHE C 302 -25.75 2.54 7.81
C PHE C 302 -27.12 3.18 8.00
N LEU C 303 -28.18 2.45 7.64
CA LEU C 303 -29.53 2.98 7.84
C LEU C 303 -29.77 3.29 9.31
N GLU C 304 -29.26 2.45 10.21
CA GLU C 304 -29.48 2.66 11.63
C GLU C 304 -28.87 3.98 12.08
N ALA C 305 -27.63 4.25 11.63
CA ALA C 305 -26.98 5.51 11.98
C ALA C 305 -27.69 6.71 11.37
N VAL C 306 -28.12 6.59 10.11
CA VAL C 306 -28.79 7.71 9.45
C VAL C 306 -30.13 8.02 10.14
N ILE C 307 -30.87 6.99 10.53
CA ILE C 307 -32.15 7.20 11.18
C ILE C 307 -31.94 7.77 12.58
N GLN C 308 -30.90 7.30 13.28
CA GLN C 308 -30.58 7.90 14.56
C GLN C 308 -30.24 9.38 14.42
N LEU C 309 -29.48 9.72 13.38
CA LEU C 309 -29.18 11.12 13.11
C LEU C 309 -30.46 11.92 12.89
N LYS C 310 -31.33 11.42 12.00
CA LYS C 310 -32.56 12.15 11.67
C LYS C 310 -33.49 12.26 12.86
N LYS C 311 -33.43 11.29 13.79
CA LYS C 311 -34.28 11.33 14.98
C LYS C 311 -33.73 12.29 16.03
N THR C 312 -32.44 12.21 16.33
CA THR C 312 -31.83 13.11 17.31
C THR C 312 -31.78 14.54 16.79
N LYS C 313 -31.89 14.71 15.47
CA LYS C 313 -31.97 16.03 14.88
C LYS C 313 -33.29 16.72 15.21
N LEU C 314 -34.37 15.94 15.32
CA LEU C 314 -35.67 16.45 15.73
C LEU C 314 -35.74 16.80 17.21
N GLN C 315 -34.68 17.35 17.77
CA GLN C 315 -34.68 17.77 19.17
C GLN C 315 -34.27 19.24 19.31
N ALA D 5 -26.01 24.18 -26.28
CA ALA D 5 -24.65 24.69 -26.24
C ALA D 5 -23.76 23.80 -25.36
N ILE D 6 -24.29 23.35 -24.23
CA ILE D 6 -23.55 22.50 -23.31
C ILE D 6 -23.88 21.05 -23.64
N CYS D 7 -22.89 20.31 -24.12
CA CYS D 7 -23.06 18.92 -24.54
C CYS D 7 -22.18 18.00 -23.70
N SER D 8 -22.71 16.82 -23.39
CA SER D 8 -22.00 15.81 -22.63
C SER D 8 -21.99 14.51 -23.41
N ALA D 9 -20.82 13.92 -23.60
CA ALA D 9 -20.70 12.64 -24.30
C ALA D 9 -20.87 11.50 -23.31
N LEU D 10 -21.65 10.50 -23.73
CA LEU D 10 -21.86 9.33 -22.89
C LEU D 10 -20.58 8.49 -22.88
N PRO D 11 -20.05 8.16 -21.70
CA PRO D 11 -18.77 7.42 -21.64
C PRO D 11 -18.86 6.06 -22.31
N THR D 12 -17.77 5.65 -22.95
CA THR D 12 -17.63 4.30 -23.50
C THR D 12 -16.86 3.45 -22.50
N ILE D 13 -17.49 2.39 -22.00
CA ILE D 13 -16.90 1.54 -20.97
C ILE D 13 -16.29 0.32 -21.64
N PRO D 14 -14.98 0.12 -21.55
CA PRO D 14 -14.40 -1.13 -22.06
C PRO D 14 -14.93 -2.33 -21.27
N TYR D 15 -15.32 -3.37 -22.01
CA TYR D 15 -15.89 -4.56 -21.38
C TYR D 15 -14.94 -5.15 -20.34
N HIS D 16 -13.64 -5.13 -20.61
CA HIS D 16 -12.68 -5.77 -19.71
C HIS D 16 -12.64 -5.12 -18.34
N LYS D 17 -13.23 -3.94 -18.16
CA LYS D 17 -13.23 -3.26 -16.87
C LYS D 17 -14.43 -3.61 -16.01
N LEU D 18 -15.37 -4.40 -16.52
CA LEU D 18 -16.51 -4.90 -15.76
C LEU D 18 -16.18 -6.30 -15.25
N ALA D 19 -16.03 -6.44 -13.94
CA ALA D 19 -15.64 -7.69 -13.31
C ALA D 19 -16.79 -8.27 -12.48
N ASP D 20 -16.67 -9.55 -12.15
CA ASP D 20 -17.65 -10.25 -11.32
C ASP D 20 -19.04 -10.21 -11.93
N LEU D 21 -19.12 -10.41 -13.25
CA LEU D 21 -20.40 -10.44 -13.93
C LEU D 21 -21.23 -11.62 -13.42
N ARG D 22 -22.39 -11.32 -12.85
CA ARG D 22 -23.27 -12.33 -12.29
C ARG D 22 -24.69 -12.10 -12.78
N TYR D 23 -25.31 -13.17 -13.28
CA TYR D 23 -26.68 -13.08 -13.77
C TYR D 23 -27.62 -12.55 -12.70
N LEU D 24 -28.36 -11.49 -13.03
CA LEU D 24 -29.40 -10.95 -12.17
C LEU D 24 -30.80 -11.30 -12.64
N SER D 25 -31.09 -11.14 -13.94
CA SER D 25 -32.41 -11.45 -14.46
C SER D 25 -32.36 -11.53 -15.98
N ARG D 26 -33.24 -12.35 -16.54
CA ARG D 26 -33.41 -12.46 -17.99
C ARG D 26 -34.82 -12.01 -18.33
N GLY D 27 -34.92 -10.99 -19.19
CA GLY D 27 -36.22 -10.42 -19.54
C GLY D 27 -36.51 -10.45 -21.02
N ALA D 28 -37.60 -9.79 -21.42
CA ALA D 28 -38.00 -9.76 -22.82
C ALA D 28 -37.11 -8.85 -23.66
N SER D 29 -36.68 -7.72 -23.10
CA SER D 29 -35.91 -6.74 -23.84
C SER D 29 -34.40 -6.97 -23.77
N GLY D 30 -33.91 -7.59 -22.71
CA GLY D 30 -32.49 -7.87 -22.62
C GLY D 30 -32.18 -8.70 -21.39
N THR D 31 -30.90 -8.74 -21.05
CA THR D 31 -30.40 -9.49 -19.90
C THR D 31 -29.69 -8.55 -18.94
N VAL D 32 -30.09 -8.58 -17.67
CA VAL D 32 -29.54 -7.71 -16.64
C VAL D 32 -28.61 -8.54 -15.76
N SER D 33 -27.36 -8.08 -15.63
CA SER D 33 -26.35 -8.75 -14.82
C SER D 33 -25.71 -7.75 -13.87
N SER D 34 -25.28 -8.23 -12.71
CA SER D 34 -24.52 -7.41 -11.78
C SER D 34 -23.03 -7.49 -12.09
N ALA D 35 -22.29 -6.44 -11.76
CA ALA D 35 -20.85 -6.41 -11.99
C ALA D 35 -20.23 -5.33 -11.12
N ARG D 36 -18.89 -5.30 -11.11
CA ARG D 36 -18.14 -4.27 -10.39
C ARG D 36 -17.17 -3.60 -11.35
N HIS D 37 -17.18 -2.27 -11.37
CA HIS D 37 -16.30 -1.50 -12.25
C HIS D 37 -14.90 -1.48 -11.62
N ALA D 38 -13.91 -1.93 -12.40
CA ALA D 38 -12.56 -2.10 -11.85
C ALA D 38 -11.93 -0.77 -11.45
N ASP D 39 -12.26 0.31 -12.16
CA ASP D 39 -11.68 1.63 -11.90
C ASP D 39 -12.44 2.43 -10.86
N TRP D 40 -13.78 2.43 -10.93
CA TRP D 40 -14.58 3.28 -10.05
C TRP D 40 -14.83 2.68 -8.68
N ARG D 41 -14.68 1.36 -8.54
CA ARG D 41 -14.84 0.67 -7.26
C ARG D 41 -16.29 0.67 -6.78
N VAL D 42 -17.24 0.67 -7.71
CA VAL D 42 -18.66 0.62 -7.41
C VAL D 42 -19.30 -0.49 -8.24
N GLN D 43 -20.44 -0.97 -7.76
CA GLN D 43 -21.20 -1.97 -8.50
C GLN D 43 -22.07 -1.32 -9.56
N VAL D 44 -22.22 -2.00 -10.69
CA VAL D 44 -23.00 -1.54 -11.83
C VAL D 44 -23.87 -2.69 -12.31
N ALA D 45 -24.89 -2.34 -13.09
CA ALA D 45 -25.72 -3.32 -13.80
C ALA D 45 -25.46 -3.21 -15.29
N VAL D 46 -25.39 -4.35 -15.97
CA VAL D 46 -25.11 -4.41 -17.40
C VAL D 46 -26.27 -5.14 -18.06
N LYS D 47 -26.94 -4.44 -18.97
CA LYS D 47 -28.05 -4.99 -19.76
C LYS D 47 -27.54 -5.23 -21.18
N HIS D 48 -27.45 -6.49 -21.56
CA HIS D 48 -26.93 -6.88 -22.87
C HIS D 48 -27.88 -7.87 -23.54
N LEU D 49 -27.80 -7.92 -24.86
CA LEU D 49 -28.54 -8.90 -25.64
C LEU D 49 -27.82 -10.24 -25.55
N HIS D 50 -28.26 -11.21 -26.33
CA HIS D 50 -27.57 -12.49 -26.39
C HIS D 50 -26.11 -12.28 -26.79
N ILE D 51 -25.19 -12.80 -25.99
CA ILE D 51 -23.77 -12.64 -26.29
C ILE D 51 -23.30 -13.61 -27.37
N HIS D 52 -24.04 -14.70 -27.62
CA HIS D 52 -23.57 -15.70 -28.56
C HIS D 52 -23.88 -15.31 -30.01
N THR D 53 -25.16 -15.23 -30.36
CA THR D 53 -25.54 -14.97 -31.74
C THR D 53 -24.99 -13.62 -32.21
N PRO D 54 -24.70 -13.49 -33.51
CA PRO D 54 -24.25 -12.19 -34.02
C PRO D 54 -25.29 -11.12 -33.74
N LEU D 55 -24.82 -9.88 -33.64
CA LEU D 55 -25.70 -8.78 -33.28
C LEU D 55 -26.40 -8.27 -34.53
N LEU D 56 -27.73 -8.28 -34.52
CA LEU D 56 -28.50 -7.74 -35.63
C LEU D 56 -28.53 -6.21 -35.55
N ASP D 57 -28.41 -5.56 -36.70
CA ASP D 57 -28.36 -4.10 -36.71
C ASP D 57 -29.59 -3.51 -36.06
N SER D 58 -30.71 -4.22 -36.10
CA SER D 58 -31.93 -3.74 -35.44
C SER D 58 -31.79 -3.77 -33.93
N GLU D 59 -31.26 -4.86 -33.38
CA GLU D 59 -31.06 -4.92 -31.93
C GLU D 59 -29.96 -3.98 -31.48
N ARG D 60 -28.90 -3.84 -32.27
CA ARG D 60 -27.87 -2.84 -31.96
C ARG D 60 -28.46 -1.44 -31.92
N LYS D 61 -29.32 -1.11 -32.89
CA LYS D 61 -29.96 0.19 -32.88
C LYS D 61 -30.89 0.35 -31.68
N ASP D 62 -31.62 -0.71 -31.32
CA ASP D 62 -32.47 -0.65 -30.13
C ASP D 62 -31.64 -0.34 -28.89
N VAL D 63 -30.50 -1.02 -28.74
CA VAL D 63 -29.66 -0.82 -27.56
C VAL D 63 -29.14 0.61 -27.53
N LEU D 64 -28.63 1.09 -28.68
CA LEU D 64 -28.11 2.45 -28.74
C LEU D 64 -29.20 3.48 -28.47
N ARG D 65 -30.42 3.24 -28.97
CA ARG D 65 -31.52 4.18 -28.74
C ARG D 65 -31.90 4.23 -27.27
N GLU D 66 -32.01 3.07 -26.61
CA GLU D 66 -32.33 3.10 -25.19
C GLU D 66 -31.24 3.80 -24.40
N ALA D 67 -29.96 3.56 -24.77
CA ALA D 67 -28.86 4.24 -24.09
C ALA D 67 -28.96 5.75 -24.25
N GLU D 68 -29.20 6.22 -25.47
CA GLU D 68 -29.30 7.66 -25.72
C GLU D 68 -30.47 8.27 -24.97
N ILE D 69 -31.62 7.59 -24.93
CA ILE D 69 -32.77 8.11 -24.20
C ILE D 69 -32.45 8.20 -22.71
N LEU D 70 -31.93 7.13 -22.13
CA LEU D 70 -31.53 7.17 -20.73
C LEU D 70 -30.58 8.32 -20.48
N HIS D 71 -29.69 8.60 -21.44
CA HIS D 71 -28.72 9.68 -21.26
C HIS D 71 -29.39 11.06 -21.26
N LYS D 72 -30.36 11.29 -22.15
CA LYS D 72 -31.00 12.60 -22.19
C LYS D 72 -32.06 12.74 -21.10
N ALA D 73 -32.67 11.65 -20.68
CA ALA D 73 -33.76 11.69 -19.71
C ALA D 73 -33.25 11.60 -18.27
N ARG D 74 -31.98 11.89 -18.05
CA ARG D 74 -31.43 11.87 -16.70
C ARG D 74 -32.29 12.74 -15.78
N PHE D 75 -32.60 12.22 -14.60
CA PHE D 75 -33.42 12.93 -13.63
C PHE D 75 -33.38 12.13 -12.34
N SER D 76 -33.77 12.79 -11.25
CA SER D 76 -33.62 12.19 -9.92
C SER D 76 -34.30 10.84 -9.82
N TYR D 77 -35.40 10.63 -10.55
CA TYR D 77 -36.15 9.39 -10.44
C TYR D 77 -36.12 8.58 -11.73
N ILE D 78 -35.14 8.82 -12.60
CA ILE D 78 -34.91 8.03 -13.80
C ILE D 78 -33.60 7.28 -13.61
N LEU D 79 -33.56 6.04 -14.09
CA LEU D 79 -32.36 5.22 -13.95
C LEU D 79 -31.15 5.96 -14.51
N PRO D 80 -30.13 6.24 -13.69
CA PRO D 80 -28.94 6.95 -14.18
C PRO D 80 -28.06 6.01 -15.01
N ILE D 81 -27.82 6.39 -16.26
CA ILE D 81 -26.96 5.61 -17.16
C ILE D 81 -25.52 6.07 -16.96
N LEU D 82 -24.62 5.10 -16.74
CA LEU D 82 -23.21 5.40 -16.52
C LEU D 82 -22.35 5.29 -17.77
N GLY D 83 -22.76 4.48 -18.73
CA GLY D 83 -22.02 4.36 -19.97
C GLY D 83 -22.60 3.27 -20.83
N ILE D 84 -22.04 3.17 -22.04
CA ILE D 84 -22.45 2.17 -23.02
C ILE D 84 -21.23 1.32 -23.40
N CYS D 85 -21.45 0.03 -23.54
CA CYS D 85 -20.43 -0.89 -24.05
C CYS D 85 -20.69 -1.11 -25.53
N ASN D 86 -19.83 -0.54 -26.37
CA ASN D 86 -19.94 -0.67 -27.82
C ASN D 86 -18.57 -1.14 -28.30
N GLU D 87 -18.38 -2.44 -28.28
CA GLU D 87 -17.12 -3.09 -28.63
C GLU D 87 -17.36 -4.14 -29.69
N PRO D 88 -16.29 -4.62 -30.33
CA PRO D 88 -16.48 -5.70 -31.31
C PRO D 88 -17.17 -6.92 -30.72
N GLU D 89 -16.88 -7.26 -29.46
CA GLU D 89 -17.35 -8.52 -28.87
C GLU D 89 -18.39 -8.33 -27.78
N PHE D 90 -18.96 -7.15 -27.61
CA PHE D 90 -19.98 -6.96 -26.59
C PHE D 90 -20.74 -5.65 -26.83
N LEU D 91 -22.04 -5.69 -26.54
CA LEU D 91 -22.89 -4.50 -26.60
C LEU D 91 -23.81 -4.51 -25.38
N GLY D 92 -23.64 -3.53 -24.49
CA GLY D 92 -24.42 -3.49 -23.26
C GLY D 92 -24.55 -2.09 -22.72
N ILE D 93 -25.69 -1.84 -22.07
CA ILE D 93 -25.92 -0.59 -21.34
C ILE D 93 -25.50 -0.75 -19.89
N VAL D 94 -24.71 0.19 -19.39
CA VAL D 94 -24.22 0.17 -18.01
C VAL D 94 -25.00 1.20 -17.20
N THR D 95 -25.55 0.78 -16.07
CA THR D 95 -26.31 1.68 -15.20
C THR D 95 -25.92 1.45 -13.74
N GLU D 96 -26.40 2.33 -12.88
CA GLU D 96 -26.22 2.14 -11.44
C GLU D 96 -26.93 0.85 -11.00
N TYR D 97 -26.35 0.18 -10.02
CA TYR D 97 -26.93 -1.05 -9.50
C TYR D 97 -27.99 -0.73 -8.45
N MET D 98 -29.18 -1.32 -8.62
CA MET D 98 -30.30 -1.16 -7.69
C MET D 98 -30.43 -2.40 -6.84
N PRO D 99 -29.96 -2.39 -5.59
CA PRO D 99 -29.93 -3.64 -4.81
C PRO D 99 -31.30 -4.22 -4.52
N ASN D 100 -32.37 -3.41 -4.54
CA ASN D 100 -33.68 -3.84 -4.09
C ASN D 100 -34.62 -4.22 -5.23
N GLY D 101 -34.08 -4.58 -6.39
CA GLY D 101 -34.92 -5.12 -7.45
C GLY D 101 -35.97 -4.12 -7.93
N SER D 102 -37.16 -4.63 -8.23
CA SER D 102 -38.23 -3.86 -8.83
C SER D 102 -39.41 -3.72 -7.87
N LEU D 103 -40.31 -2.80 -8.21
CA LEU D 103 -41.52 -2.59 -7.42
C LEU D 103 -42.41 -3.83 -7.37
N ASN D 104 -42.40 -4.63 -8.44
CA ASN D 104 -43.22 -5.85 -8.47
C ASN D 104 -42.90 -6.77 -7.31
N GLU D 105 -41.61 -7.03 -7.08
CA GLU D 105 -41.22 -7.89 -5.97
C GLU D 105 -41.69 -7.31 -4.64
N LEU D 106 -41.49 -6.01 -4.44
CA LEU D 106 -41.96 -5.37 -3.22
C LEU D 106 -43.44 -5.60 -3.01
N LEU D 107 -44.23 -5.49 -4.09
CA LEU D 107 -45.68 -5.55 -3.94
C LEU D 107 -46.20 -6.97 -3.76
N HIS D 108 -45.60 -7.96 -4.44
CA HIS D 108 -46.22 -9.28 -4.54
C HIS D 108 -45.47 -10.39 -3.82
N ARG D 109 -44.20 -10.22 -3.49
CA ARG D 109 -43.48 -11.23 -2.71
C ARG D 109 -43.76 -10.96 -1.24
N LYS D 110 -44.91 -11.43 -0.78
CA LYS D 110 -45.39 -11.12 0.56
C LYS D 110 -44.68 -11.90 1.66
N THR D 111 -43.90 -12.92 1.32
CA THR D 111 -43.10 -13.58 2.35
C THR D 111 -41.90 -12.72 2.73
N GLU D 112 -41.19 -12.20 1.74
CA GLU D 112 -40.08 -11.29 2.00
C GLU D 112 -40.55 -10.03 2.69
N TYR D 113 -41.62 -9.41 2.17
CA TYR D 113 -42.12 -8.12 2.64
C TYR D 113 -43.57 -8.31 3.09
N PRO D 114 -43.77 -8.86 4.29
CA PRO D 114 -45.16 -9.07 4.75
C PRO D 114 -45.94 -7.77 4.83
N ASP D 115 -45.32 -6.70 5.32
CA ASP D 115 -45.97 -5.41 5.46
C ASP D 115 -45.16 -4.34 4.75
N VAL D 116 -45.85 -3.46 4.03
CA VAL D 116 -45.25 -2.33 3.33
C VAL D 116 -46.00 -1.09 3.79
N ALA D 117 -45.36 -0.29 4.64
CA ALA D 117 -46.03 0.83 5.26
C ALA D 117 -46.59 1.79 4.22
N TRP D 118 -47.78 2.31 4.48
CA TRP D 118 -48.41 3.25 3.55
C TRP D 118 -47.52 4.42 3.18
N PRO D 119 -46.77 5.03 4.10
CA PRO D 119 -45.88 6.13 3.69
C PRO D 119 -44.95 5.76 2.56
N LEU D 120 -44.37 4.56 2.59
CA LEU D 120 -43.50 4.14 1.50
C LEU D 120 -44.28 4.01 0.20
N ARG D 121 -45.47 3.43 0.26
CA ARG D 121 -46.28 3.28 -0.95
C ARG D 121 -46.58 4.64 -1.57
N PHE D 122 -46.99 5.60 -0.75
CA PHE D 122 -47.34 6.91 -1.28
C PHE D 122 -46.11 7.65 -1.78
N ARG D 123 -44.97 7.48 -1.11
CA ARG D 123 -43.75 8.09 -1.63
C ARG D 123 -43.38 7.51 -2.99
N ILE D 124 -43.53 6.19 -3.14
CA ILE D 124 -43.21 5.53 -4.40
C ILE D 124 -44.12 6.03 -5.51
N LEU D 125 -45.43 6.13 -5.24
CA LEU D 125 -46.35 6.67 -6.24
C LEU D 125 -46.00 8.11 -6.61
N HIS D 126 -45.71 8.94 -5.61
CA HIS D 126 -45.31 10.31 -5.86
C HIS D 126 -44.05 10.37 -6.73
N GLU D 127 -43.05 9.53 -6.44
CA GLU D 127 -41.81 9.60 -7.20
C GLU D 127 -41.98 9.07 -8.62
N ILE D 128 -42.79 8.02 -8.79
CA ILE D 128 -43.10 7.59 -10.15
C ILE D 128 -43.73 8.74 -10.92
N ALA D 129 -44.69 9.43 -10.29
CA ALA D 129 -45.31 10.57 -10.92
C ALA D 129 -44.28 11.64 -11.28
N LEU D 130 -43.33 11.92 -10.38
CA LEU D 130 -42.32 12.92 -10.68
C LEU D 130 -41.48 12.53 -11.89
N GLY D 131 -41.01 11.29 -11.92
CA GLY D 131 -40.18 10.84 -13.03
C GLY D 131 -40.92 10.90 -14.36
N VAL D 132 -42.15 10.37 -14.39
CA VAL D 132 -42.90 10.36 -15.64
C VAL D 132 -43.28 11.78 -16.06
N ASN D 133 -43.59 12.66 -15.09
CA ASN D 133 -43.87 14.05 -15.43
C ASN D 133 -42.65 14.73 -16.02
N TYR D 134 -41.46 14.48 -15.45
CA TYR D 134 -40.24 15.01 -16.06
C TYR D 134 -40.12 14.52 -17.49
N LEU D 135 -40.33 13.22 -17.71
CA LEU D 135 -40.27 12.69 -19.07
C LEU D 135 -41.22 13.43 -20.00
N HIS D 136 -42.46 13.65 -19.56
CA HIS D 136 -43.45 14.34 -20.39
C HIS D 136 -43.11 15.81 -20.62
N ASN D 137 -42.31 16.41 -19.74
CA ASN D 137 -41.96 17.81 -19.87
C ASN D 137 -40.69 18.06 -20.68
N MET D 138 -40.03 17.00 -21.16
CA MET D 138 -38.85 17.22 -21.97
C MET D 138 -39.23 17.86 -23.30
N THR D 139 -38.21 18.29 -24.03
CA THR D 139 -38.40 18.87 -25.36
C THR D 139 -37.54 18.10 -26.34
N PRO D 140 -38.13 17.30 -27.22
CA PRO D 140 -39.60 17.13 -27.22
C PRO D 140 -40.05 16.19 -26.10
N PRO D 141 -41.34 16.25 -25.75
CA PRO D 141 -41.86 15.38 -24.68
C PRO D 141 -41.61 13.92 -24.99
N LEU D 142 -41.19 13.17 -23.96
CA LEU D 142 -40.93 11.74 -24.09
C LEU D 142 -42.05 10.95 -23.40
N LEU D 143 -42.67 10.05 -24.16
CA LEU D 143 -43.72 9.16 -23.67
C LEU D 143 -43.12 7.79 -23.36
N HIS D 144 -43.30 7.32 -22.12
CA HIS D 144 -42.67 6.05 -21.73
C HIS D 144 -43.31 4.88 -22.45
N HIS D 145 -44.64 4.76 -22.36
CA HIS D 145 -45.45 3.78 -23.08
C HIS D 145 -45.23 2.34 -22.65
N ASP D 146 -44.49 2.09 -21.57
CA ASP D 146 -44.36 0.73 -21.06
C ASP D 146 -44.13 0.74 -19.56
N LEU D 147 -44.85 1.62 -18.84
CA LEU D 147 -44.74 1.63 -17.39
C LEU D 147 -45.33 0.34 -16.82
N LYS D 148 -44.62 -0.26 -15.87
CA LYS D 148 -45.11 -1.45 -15.19
C LYS D 148 -44.31 -1.64 -13.91
N THR D 149 -44.82 -2.50 -13.03
CA THR D 149 -44.18 -2.74 -11.74
C THR D 149 -42.79 -3.34 -11.86
N GLN D 150 -42.39 -3.85 -13.03
CA GLN D 150 -41.02 -4.31 -13.20
C GLN D 150 -40.09 -3.18 -13.60
N ASN D 151 -40.61 -2.08 -14.14
CA ASN D 151 -39.77 -0.96 -14.54
C ASN D 151 -39.42 -0.04 -13.38
N ILE D 152 -40.17 -0.09 -12.29
CA ILE D 152 -39.95 0.83 -11.17
C ILE D 152 -38.95 0.13 -10.25
N LEU D 153 -37.69 0.53 -10.33
CA LEU D 153 -36.63 -0.02 -9.52
C LEU D 153 -36.51 0.76 -8.21
N LEU D 154 -35.94 0.10 -7.21
CA LEU D 154 -35.81 0.67 -5.88
C LEU D 154 -34.34 0.74 -5.51
N ASP D 155 -33.86 1.93 -5.16
CA ASP D 155 -32.46 2.17 -4.87
C ASP D 155 -32.14 1.70 -3.46
N ASN D 156 -30.96 2.06 -2.96
CA ASN D 156 -30.50 1.55 -1.68
C ASN D 156 -31.44 1.96 -0.55
N GLU D 157 -32.10 3.11 -0.69
CA GLU D 157 -33.08 3.60 0.28
C GLU D 157 -34.50 3.57 -0.25
N PHE D 158 -34.76 2.75 -1.28
CA PHE D 158 -36.11 2.56 -1.81
C PHE D 158 -36.69 3.84 -2.40
N HIS D 159 -35.89 4.48 -3.26
CA HIS D 159 -36.39 5.57 -4.10
C HIS D 159 -36.58 5.06 -5.52
N VAL D 160 -37.60 5.62 -6.18
CA VAL D 160 -38.01 5.11 -7.48
C VAL D 160 -36.96 5.47 -8.52
N LYS D 161 -36.66 4.51 -9.40
CA LYS D 161 -35.83 4.75 -10.57
C LYS D 161 -36.52 4.05 -11.74
N ILE D 162 -37.00 4.82 -12.69
CA ILE D 162 -37.70 4.25 -13.84
C ILE D 162 -36.67 3.75 -14.85
N ALA D 163 -36.93 2.56 -15.40
CA ALA D 163 -36.02 1.92 -16.33
C ALA D 163 -36.84 1.36 -17.48
N ASP D 164 -36.16 0.67 -18.40
CA ASP D 164 -36.85 0.04 -19.52
C ASP D 164 -37.45 1.09 -20.45
N PHE D 165 -36.62 1.70 -21.28
CA PHE D 165 -37.11 2.64 -22.26
C PHE D 165 -37.19 1.99 -23.65
N GLY D 166 -37.96 0.90 -23.70
CA GLY D 166 -38.10 0.18 -24.95
C GLY D 166 -38.97 0.93 -25.95
N LEU D 167 -40.06 1.51 -25.47
CA LEU D 167 -40.99 2.26 -26.31
C LEU D 167 -40.94 3.72 -25.87
N SER D 168 -41.23 4.65 -26.80
CA SER D 168 -41.09 6.07 -26.47
C SER D 168 -41.14 7.01 -27.68
N LYS D 169 -41.38 8.29 -27.43
CA LYS D 169 -41.61 9.32 -28.46
C LYS D 169 -40.33 10.02 -28.91
N TRP D 170 -39.64 10.70 -28.00
CA TRP D 170 -38.36 11.35 -28.31
C TRP D 170 -37.23 10.87 -27.41
N GLY D 188 -48.58 -9.89 -19.95
CA GLY D 188 -48.17 -9.04 -18.84
C GLY D 188 -47.87 -7.62 -19.29
N THR D 189 -47.15 -7.51 -20.41
CA THR D 189 -46.88 -6.21 -20.99
C THR D 189 -48.16 -5.43 -21.28
N ILE D 190 -49.29 -6.12 -21.50
CA ILE D 190 -50.55 -5.45 -21.80
C ILE D 190 -51.42 -5.20 -20.57
N ILE D 191 -51.01 -5.66 -19.39
CA ILE D 191 -51.84 -5.41 -18.21
C ILE D 191 -51.93 -3.92 -17.90
N TYR D 192 -50.97 -3.13 -18.36
CA TYR D 192 -50.95 -1.68 -18.14
C TYR D 192 -51.31 -0.87 -19.37
N MET D 193 -51.82 -1.51 -20.42
CA MET D 193 -52.07 -0.86 -21.70
C MET D 193 -53.53 -0.45 -21.83
N PRO D 194 -53.78 0.77 -22.29
CA PRO D 194 -55.16 1.27 -22.44
C PRO D 194 -55.87 0.64 -23.63
N PRO D 195 -57.20 0.63 -23.63
CA PRO D 195 -57.95 -0.08 -24.69
C PRO D 195 -57.87 0.57 -26.06
N GLU D 196 -57.30 1.77 -26.17
CA GLU D 196 -57.20 2.44 -27.45
C GLU D 196 -55.87 2.20 -28.14
N ASN D 197 -54.94 1.55 -27.45
CA ASN D 197 -53.74 0.99 -28.06
C ASN D 197 -53.97 -0.40 -28.63
N TYR D 198 -55.23 -0.84 -28.69
CA TYR D 198 -55.58 -2.15 -29.23
C TYR D 198 -55.95 -2.05 -30.71
N ALA D 206 -49.82 5.62 -29.68
CA ALA D 206 -48.84 6.70 -29.54
C ALA D 206 -49.47 7.95 -28.93
N SER D 207 -50.67 7.81 -28.35
CA SER D 207 -51.35 8.96 -27.78
C SER D 207 -50.68 9.41 -26.49
N ILE D 208 -50.84 10.69 -26.18
CA ILE D 208 -50.17 11.27 -25.02
C ILE D 208 -50.60 10.55 -23.75
N LYS D 209 -51.88 10.20 -23.65
CA LYS D 209 -52.44 9.73 -22.39
C LYS D 209 -52.29 8.21 -22.20
N HIS D 210 -51.24 7.63 -22.78
CA HIS D 210 -50.95 6.22 -22.49
C HIS D 210 -50.41 6.06 -21.07
N ASP D 211 -49.31 6.75 -20.76
CA ASP D 211 -48.61 6.51 -19.50
C ASP D 211 -49.53 6.69 -18.30
N ILE D 212 -50.39 7.71 -18.33
CA ILE D 212 -51.21 7.99 -17.15
C ILE D 212 -52.13 6.81 -16.87
N TYR D 213 -52.66 6.19 -17.93
CA TYR D 213 -53.48 4.99 -17.71
C TYR D 213 -52.68 3.94 -16.96
N SER D 214 -51.48 3.63 -17.46
CA SER D 214 -50.65 2.66 -16.76
C SER D 214 -50.43 3.07 -15.31
N TYR D 215 -50.20 4.37 -15.09
CA TYR D 215 -49.95 4.81 -13.73
C TYR D 215 -51.15 4.54 -12.85
N ALA D 216 -52.35 4.74 -13.40
CA ALA D 216 -53.55 4.45 -12.63
C ALA D 216 -53.58 2.99 -12.20
N VAL D 217 -53.29 2.07 -13.15
CA VAL D 217 -53.27 0.67 -12.79
C VAL D 217 -52.25 0.41 -11.70
N ILE D 218 -51.06 1.02 -11.84
CA ILE D 218 -50.03 0.81 -10.83
C ILE D 218 -50.55 1.25 -9.48
N THR D 219 -51.29 2.36 -9.44
CA THR D 219 -51.85 2.80 -8.17
C THR D 219 -52.77 1.73 -7.60
N TRP D 220 -53.71 1.24 -8.42
CA TRP D 220 -54.59 0.17 -7.97
C TRP D 220 -53.78 -1.00 -7.45
N GLU D 221 -52.66 -1.31 -8.11
CA GLU D 221 -51.81 -2.38 -7.65
C GLU D 221 -51.15 -2.04 -6.31
N VAL D 222 -50.51 -0.86 -6.24
CA VAL D 222 -49.71 -0.53 -5.06
C VAL D 222 -50.58 -0.47 -3.81
N LEU D 223 -51.78 0.09 -3.93
CA LEU D 223 -52.64 0.19 -2.75
C LEU D 223 -53.23 -1.16 -2.37
N SER D 224 -53.37 -2.08 -3.32
CA SER D 224 -53.99 -3.37 -3.05
C SER D 224 -52.99 -4.50 -2.85
N ARG D 225 -51.82 -4.44 -3.49
CA ARG D 225 -50.87 -5.55 -3.52
C ARG D 225 -51.53 -6.81 -4.09
N LYS D 226 -52.42 -6.63 -5.07
CA LYS D 226 -53.06 -7.71 -5.78
C LYS D 226 -52.64 -7.67 -7.24
N GLN D 227 -52.80 -8.80 -7.92
CA GLN D 227 -52.52 -8.85 -9.34
C GLN D 227 -53.72 -8.32 -10.11
N PRO D 228 -53.56 -7.29 -10.93
CA PRO D 228 -54.71 -6.79 -11.69
C PRO D 228 -55.24 -7.89 -12.59
N PHE D 229 -56.56 -8.07 -12.57
CA PHE D 229 -57.21 -9.14 -13.34
C PHE D 229 -56.75 -10.52 -12.85
N GLU D 230 -56.85 -10.72 -11.53
CA GLU D 230 -56.27 -11.91 -10.90
C GLU D 230 -56.88 -13.19 -11.43
N ASP D 231 -58.21 -13.22 -11.60
CA ASP D 231 -58.90 -14.45 -11.98
C ASP D 231 -58.81 -14.76 -13.47
N VAL D 232 -58.31 -13.83 -14.27
CA VAL D 232 -58.23 -13.99 -15.73
C VAL D 232 -56.95 -14.71 -16.09
N THR D 233 -57.07 -15.85 -16.79
CA THR D 233 -55.91 -16.66 -17.15
C THR D 233 -55.37 -16.37 -18.56
N ASN D 234 -56.16 -15.76 -19.45
CA ASN D 234 -55.69 -15.47 -20.80
C ASN D 234 -55.59 -13.97 -21.03
N PRO D 235 -54.43 -13.45 -21.44
CA PRO D 235 -54.30 -11.99 -21.64
C PRO D 235 -55.30 -11.42 -22.64
N LEU D 236 -55.72 -12.20 -23.64
CA LEU D 236 -56.71 -11.69 -24.58
C LEU D 236 -58.02 -11.37 -23.86
N GLN D 237 -58.34 -12.11 -22.79
CA GLN D 237 -59.50 -11.74 -21.99
C GLN D 237 -59.30 -10.38 -21.35
N ILE D 238 -58.08 -10.09 -20.89
CA ILE D 238 -57.80 -8.77 -20.34
C ILE D 238 -58.00 -7.70 -21.39
N MET D 239 -57.47 -7.92 -22.59
CA MET D 239 -57.63 -6.93 -23.65
C MET D 239 -59.10 -6.70 -23.97
N TYR D 240 -59.88 -7.77 -24.06
CA TYR D 240 -61.31 -7.65 -24.33
C TYR D 240 -62.04 -6.91 -23.22
N SER D 241 -61.82 -7.32 -21.96
CA SER D 241 -62.52 -6.69 -20.85
C SER D 241 -62.20 -5.21 -20.75
N VAL D 242 -60.91 -4.86 -20.84
CA VAL D 242 -60.54 -3.45 -20.75
C VAL D 242 -61.13 -2.67 -21.93
N SER D 243 -61.08 -3.25 -23.14
CA SER D 243 -61.71 -2.60 -24.28
C SER D 243 -63.20 -2.41 -24.07
N GLN D 244 -63.82 -3.24 -23.24
CA GLN D 244 -65.24 -3.09 -22.92
C GLN D 244 -65.48 -2.15 -21.74
N GLY D 245 -64.44 -1.52 -21.23
CA GLY D 245 -64.60 -0.59 -20.13
C GLY D 245 -64.42 -1.16 -18.75
N HIS D 246 -64.13 -2.45 -18.63
CA HIS D 246 -63.93 -3.05 -17.32
C HIS D 246 -62.51 -2.81 -16.83
N ARG D 247 -62.37 -2.68 -15.52
CA ARG D 247 -61.08 -2.43 -14.90
C ARG D 247 -60.94 -3.33 -13.68
N PRO D 248 -59.75 -3.39 -13.08
CA PRO D 248 -59.62 -4.14 -11.83
C PRO D 248 -60.70 -3.74 -10.85
N VAL D 249 -61.14 -4.71 -10.05
CA VAL D 249 -62.27 -4.50 -9.17
C VAL D 249 -61.86 -3.55 -8.05
N ILE D 250 -62.72 -2.57 -7.78
CA ILE D 250 -62.49 -1.61 -6.69
C ILE D 250 -63.63 -1.81 -5.71
N ASN D 251 -63.33 -2.45 -4.57
CA ASN D 251 -64.28 -2.64 -3.48
C ASN D 251 -63.47 -2.74 -2.19
N GLU D 252 -64.15 -3.08 -1.10
CA GLU D 252 -63.46 -3.21 0.19
C GLU D 252 -62.38 -4.29 0.15
N GLU D 253 -62.55 -5.31 -0.70
CA GLU D 253 -61.61 -6.42 -0.71
C GLU D 253 -60.27 -6.04 -1.34
N SER D 254 -60.31 -5.34 -2.48
CA SER D 254 -59.08 -4.98 -3.17
C SER D 254 -58.39 -3.78 -2.54
N LEU D 255 -59.17 -2.78 -2.10
CA LEU D 255 -58.62 -1.55 -1.53
C LEU D 255 -59.26 -1.34 -0.18
N PRO D 256 -58.63 -1.82 0.89
CA PRO D 256 -59.23 -1.68 2.23
C PRO D 256 -59.50 -0.22 2.59
N TYR D 257 -60.51 -0.02 3.44
CA TYR D 257 -60.90 1.32 3.83
C TYR D 257 -59.85 2.00 4.70
N ASP D 258 -58.90 1.25 5.26
CA ASP D 258 -57.83 1.82 6.07
C ASP D 258 -56.70 2.43 5.24
N ILE D 259 -56.88 2.57 3.94
CA ILE D 259 -55.88 3.22 3.08
C ILE D 259 -55.93 4.73 3.32
N PRO D 260 -54.80 5.39 3.59
CA PRO D 260 -54.83 6.84 3.74
C PRO D 260 -55.38 7.53 2.48
N HIS D 261 -56.25 8.52 2.70
CA HIS D 261 -56.81 9.31 1.62
C HIS D 261 -57.45 8.42 0.55
N ARG D 262 -58.15 7.37 0.99
CA ARG D 262 -58.65 6.37 0.05
C ARG D 262 -59.54 7.00 -1.01
N ALA D 263 -60.41 7.95 -0.61
CA ALA D 263 -61.33 8.55 -1.57
C ALA D 263 -60.58 9.30 -2.67
N ARG D 264 -59.62 10.16 -2.28
CA ARG D 264 -58.86 10.91 -3.26
C ARG D 264 -58.06 9.98 -4.16
N MET D 265 -57.44 8.95 -3.58
CA MET D 265 -56.65 8.02 -4.38
C MET D 265 -57.53 7.26 -5.38
N ILE D 266 -58.73 6.87 -4.96
CA ILE D 266 -59.64 6.18 -5.87
C ILE D 266 -60.09 7.11 -6.99
N SER D 267 -60.38 8.38 -6.66
CA SER D 267 -60.74 9.32 -7.71
C SER D 267 -59.60 9.47 -8.72
N LEU D 268 -58.37 9.59 -8.22
CA LEU D 268 -57.20 9.65 -9.10
C LEU D 268 -57.13 8.41 -9.98
N ILE D 269 -57.28 7.22 -9.39
CA ILE D 269 -57.14 5.97 -10.14
C ILE D 269 -58.18 5.94 -11.27
N GLU D 270 -59.45 6.09 -10.90
CA GLU D 270 -60.52 5.95 -11.87
C GLU D 270 -60.43 7.01 -12.96
N SER D 271 -59.92 8.20 -12.64
CA SER D 271 -59.71 9.20 -13.69
C SER D 271 -58.51 8.84 -14.57
N GLY D 272 -57.51 8.15 -14.01
CA GLY D 272 -56.34 7.80 -14.79
C GLY D 272 -56.63 6.75 -15.86
N TRP D 273 -57.44 5.75 -15.52
CA TRP D 273 -57.77 4.67 -16.45
C TRP D 273 -59.16 4.84 -17.06
N ALA D 274 -59.66 6.08 -17.11
CA ALA D 274 -60.95 6.34 -17.73
C ALA D 274 -60.98 5.82 -19.15
N GLN D 275 -62.12 5.23 -19.53
CA GLN D 275 -62.26 4.72 -20.89
C GLN D 275 -61.98 5.79 -21.92
N ASN D 276 -62.45 7.01 -21.67
CA ASN D 276 -62.22 8.13 -22.59
C ASN D 276 -60.84 8.71 -22.34
N PRO D 277 -59.96 8.74 -23.34
CA PRO D 277 -58.61 9.28 -23.11
C PRO D 277 -58.62 10.72 -22.63
N ASP D 278 -59.57 11.52 -23.10
CA ASP D 278 -59.63 12.93 -22.74
C ASP D 278 -59.98 13.16 -21.27
N GLU D 279 -60.57 12.17 -20.59
CA GLU D 279 -60.86 12.34 -19.17
C GLU D 279 -59.66 12.10 -18.27
N ARG D 280 -58.55 11.58 -18.78
CA ARG D 280 -57.43 11.24 -17.92
C ARG D 280 -56.59 12.48 -17.64
N PRO D 281 -56.19 12.71 -16.39
CA PRO D 281 -55.50 13.94 -16.04
C PRO D 281 -54.04 13.93 -16.48
N SER D 282 -53.49 15.12 -16.61
CA SER D 282 -52.07 15.27 -16.83
C SER D 282 -51.31 14.81 -15.60
N PHE D 283 -50.06 14.40 -15.80
CA PHE D 283 -49.24 14.00 -14.66
C PHE D 283 -48.99 15.16 -13.71
N LEU D 284 -48.90 16.37 -14.25
CA LEU D 284 -48.70 17.55 -13.41
C LEU D 284 -49.92 17.82 -12.53
N LYS D 285 -51.13 17.66 -13.08
CA LYS D 285 -52.32 17.77 -12.25
C LYS D 285 -52.31 16.72 -11.15
N CYS D 286 -51.87 15.50 -11.47
CA CYS D 286 -51.77 14.46 -10.45
C CYS D 286 -50.78 14.84 -9.35
N LEU D 287 -49.65 15.44 -9.73
CA LEU D 287 -48.70 15.88 -8.71
C LEU D 287 -49.31 16.94 -7.82
N ILE D 288 -50.03 17.90 -8.40
CA ILE D 288 -50.73 18.90 -7.60
C ILE D 288 -51.71 18.23 -6.64
N GLU D 289 -52.39 17.18 -7.11
CA GLU D 289 -53.35 16.47 -6.26
C GLU D 289 -52.65 15.67 -5.16
N LEU D 290 -51.42 15.22 -5.42
CA LEU D 290 -50.68 14.37 -4.49
C LEU D 290 -49.89 15.14 -3.45
N GLU D 291 -49.42 16.35 -3.76
CA GLU D 291 -48.52 17.06 -2.86
C GLU D 291 -49.04 17.17 -1.43
N PRO D 292 -50.26 17.65 -1.16
CA PRO D 292 -50.74 17.69 0.23
C PRO D 292 -50.86 16.31 0.84
N VAL D 293 -51.31 15.33 0.06
CA VAL D 293 -51.43 13.96 0.55
C VAL D 293 -50.08 13.47 1.06
N LEU D 294 -49.05 13.52 0.21
CA LEU D 294 -47.72 13.15 0.66
C LEU D 294 -47.27 14.03 1.81
N ARG D 295 -47.80 15.25 1.88
CA ARG D 295 -47.43 16.18 2.93
C ARG D 295 -47.95 15.71 4.29
N THR D 296 -49.03 14.92 4.31
CA THR D 296 -49.53 14.44 5.59
C THR D 296 -48.54 13.51 6.30
N PHE D 297 -47.60 12.92 5.56
CA PHE D 297 -46.64 11.99 6.14
C PHE D 297 -45.36 12.72 6.53
N GLU D 298 -44.82 12.36 7.71
CA GLU D 298 -43.53 12.88 8.14
C GLU D 298 -42.38 12.03 7.57
N GLU D 299 -41.25 12.69 7.34
CA GLU D 299 -40.11 12.03 6.71
C GLU D 299 -39.61 10.84 7.52
N ILE D 300 -39.72 10.91 8.85
CA ILE D 300 -39.18 9.84 9.66
C ILE D 300 -40.02 8.60 9.48
N THR D 301 -41.31 8.75 9.16
CA THR D 301 -42.13 7.56 8.90
C THR D 301 -41.66 6.85 7.64
N PHE D 302 -41.23 7.61 6.63
CA PHE D 302 -40.65 7.01 5.43
C PHE D 302 -39.40 6.22 5.76
N LEU D 303 -38.44 6.87 6.44
CA LEU D 303 -37.22 6.16 6.79
C LEU D 303 -37.52 4.91 7.62
N GLU D 304 -38.46 5.02 8.57
CA GLU D 304 -38.81 3.89 9.41
C GLU D 304 -39.42 2.75 8.61
N ALA D 305 -40.28 3.08 7.63
CA ALA D 305 -40.84 2.03 6.79
C ALA D 305 -39.74 1.33 6.00
N VAL D 306 -38.76 2.09 5.51
CA VAL D 306 -37.66 1.47 4.77
C VAL D 306 -36.87 0.53 5.68
N ILE D 307 -36.65 0.95 6.92
CA ILE D 307 -35.88 0.12 7.85
C ILE D 307 -36.66 -1.12 8.24
N GLN D 308 -37.98 -0.99 8.44
CA GLN D 308 -38.81 -2.17 8.69
C GLN D 308 -38.75 -3.15 7.53
N LEU D 309 -38.79 -2.63 6.31
CA LEU D 309 -38.66 -3.50 5.14
C LEU D 309 -37.34 -4.27 5.18
N LYS D 310 -36.23 -3.55 5.38
CA LYS D 310 -34.93 -4.22 5.38
C LYS D 310 -34.77 -5.17 6.55
N LYS D 311 -35.48 -4.95 7.66
CA LYS D 311 -35.38 -5.86 8.79
C LYS D 311 -36.18 -7.13 8.56
N THR D 312 -37.44 -6.99 8.11
CA THR D 312 -38.28 -8.16 7.86
C THR D 312 -37.86 -8.94 6.61
N LYS D 313 -37.16 -8.32 5.65
CA LYS D 313 -36.67 -9.06 4.49
C LYS D 313 -35.51 -9.96 4.88
N LEU D 314 -34.64 -9.49 5.78
CA LEU D 314 -33.65 -10.34 6.38
C LEU D 314 -34.31 -11.26 7.39
N GLN D 315 -33.88 -12.53 7.41
CA GLN D 315 -34.37 -13.58 8.31
C GLN D 315 -35.76 -14.07 7.89
N SER D 316 -35.88 -14.58 6.67
CA SER D 316 -37.14 -15.14 6.19
C SER D 316 -36.91 -16.52 5.56
#